data_5UMF
#
_entry.id   5UMF
#
_cell.length_a   122.730
_cell.length_b   70.900
_cell.length_c   83.500
_cell.angle_alpha   90.000
_cell.angle_beta   109.310
_cell.angle_gamma   90.000
#
_symmetry.space_group_name_H-M   'C 1 2 1'
#
loop_
_entity.id
_entity.type
_entity.pdbx_description
1 polymer 'Ribulose-phosphate 3-epimerase'
2 non-polymer 'ZINC ION'
3 non-polymer 'PHOSPHATE ION'
4 non-polymer GLYCEROL
5 water water
#
_entity_poly.entity_id   1
_entity_poly.type   'polypeptide(L)'
_entity_poly.pdbx_seq_one_letter_code
;MAHHHHHHMTAYRIAPSILSADFARLGEEVANVIAAGADLIHFDVMDNHYVPNLTFGPMVCAALKPYASVPIDVHLMVEP
VDDLIQSFAKAGASIITFHPEASRHIDRSLSLIRDMGCQAGLVLNPATPVYVLENVLDRLDMVLLMSVNPGFGGQSFIPH
TLEKIRQVRAMLDRYEGKSGRRIAIEVDGGIKTDNIAAVARAGADTFVAGSAIFGKPDYKAVIAAMRAELEKAAG
;
_entity_poly.pdbx_strand_id   A,B,C
#
# COMPACT_ATOMS: atom_id res chain seq x y z
N ALA A 11 25.13 -20.05 28.70
CA ALA A 11 25.59 -20.88 27.59
C ALA A 11 25.05 -20.34 26.26
N TYR A 12 25.97 -19.86 25.42
CA TYR A 12 25.57 -19.31 24.14
C TYR A 12 25.21 -20.42 23.16
N ARG A 13 24.17 -20.20 22.38
CA ARG A 13 23.73 -21.16 21.36
C ARG A 13 23.89 -20.55 19.98
N ILE A 14 24.45 -21.31 19.06
CA ILE A 14 24.55 -20.92 17.66
C ILE A 14 23.53 -21.74 16.87
N ALA A 15 22.70 -21.04 16.10
CA ALA A 15 21.56 -21.63 15.39
C ALA A 15 21.69 -21.34 13.90
N PRO A 16 22.38 -22.19 13.14
CA PRO A 16 22.50 -21.97 11.70
C PRO A 16 21.14 -21.98 11.02
N SER A 17 20.94 -21.04 10.09
CA SER A 17 19.67 -20.87 9.40
CA SER A 17 19.66 -20.91 9.42
C SER A 17 19.73 -21.56 8.04
N ILE A 18 18.93 -22.60 7.86
CA ILE A 18 18.92 -23.36 6.61
C ILE A 18 18.41 -22.58 5.41
N LEU A 19 17.84 -21.39 5.63
CA LEU A 19 17.49 -20.52 4.52
C LEU A 19 18.67 -20.30 3.58
N SER A 20 19.89 -20.36 4.10
CA SER A 20 21.10 -20.15 3.33
C SER A 20 21.79 -21.44 2.91
N ALA A 21 21.21 -22.60 3.20
CA ALA A 21 21.82 -23.89 2.90
C ALA A 21 21.50 -24.35 1.47
N ASP A 22 22.15 -25.44 1.07
CA ASP A 22 21.93 -26.07 -0.22
C ASP A 22 20.69 -26.95 -0.11
N PHE A 23 19.57 -26.51 -0.68
CA PHE A 23 18.33 -27.27 -0.55
CA PHE A 23 18.34 -27.29 -0.53
C PHE A 23 18.33 -28.58 -1.32
N ALA A 24 19.33 -28.81 -2.19
CA ALA A 24 19.42 -30.09 -2.85
C ALA A 24 20.05 -31.17 -1.96
N ARG A 25 20.70 -30.77 -0.87
CA ARG A 25 21.42 -31.70 0.01
CA ARG A 25 21.40 -31.71 0.02
C ARG A 25 21.16 -31.32 1.48
N LEU A 26 19.88 -31.18 1.85
CA LEU A 26 19.58 -30.55 3.13
CA LEU A 26 19.56 -30.56 3.13
C LEU A 26 19.98 -31.44 4.30
N GLY A 27 19.82 -32.76 4.16
CA GLY A 27 20.24 -33.64 5.24
C GLY A 27 21.73 -33.56 5.51
N GLU A 28 22.54 -33.56 4.46
CA GLU A 28 23.99 -33.38 4.61
C GLU A 28 24.30 -32.03 5.25
N GLU A 29 23.62 -30.97 4.82
CA GLU A 29 23.86 -29.65 5.38
C GLU A 29 23.59 -29.64 6.88
N VAL A 30 22.47 -30.23 7.30
CA VAL A 30 22.13 -30.29 8.72
C VAL A 30 23.17 -31.12 9.48
N ALA A 31 23.50 -32.31 8.96
CA ALA A 31 24.51 -33.13 9.61
C ALA A 31 25.83 -32.39 9.72
N ASN A 32 26.23 -31.66 8.67
CA ASN A 32 27.52 -31.00 8.68
C ASN A 32 27.56 -29.83 9.66
N VAL A 33 26.46 -29.08 9.77
CA VAL A 33 26.49 -27.96 10.69
CA VAL A 33 26.48 -27.95 10.71
C VAL A 33 26.41 -28.44 12.14
N ILE A 34 25.74 -29.57 12.38
CA ILE A 34 25.77 -30.17 13.71
C ILE A 34 27.17 -30.66 14.04
N ALA A 35 27.85 -31.28 13.06
CA ALA A 35 29.24 -31.70 13.27
C ALA A 35 30.13 -30.52 13.60
N ALA A 36 29.76 -29.32 13.14
CA ALA A 36 30.52 -28.10 13.36
C ALA A 36 30.20 -27.42 14.69
N GLY A 37 29.21 -27.90 15.44
CA GLY A 37 28.90 -27.34 16.74
C GLY A 37 27.58 -26.63 16.87
N ALA A 38 26.70 -26.72 15.89
CA ALA A 38 25.39 -26.08 15.98
C ALA A 38 24.61 -26.59 17.20
N ASP A 39 23.92 -25.65 17.87
CA ASP A 39 23.08 -26.00 19.01
C ASP A 39 21.63 -26.15 18.63
N LEU A 40 21.19 -25.50 17.56
CA LEU A 40 19.83 -25.54 17.07
C LEU A 40 19.90 -25.49 15.55
N ILE A 41 18.85 -25.98 14.90
CA ILE A 41 18.67 -25.78 13.46
C ILE A 41 17.55 -24.78 13.29
N HIS A 42 17.85 -23.62 12.72
CA HIS A 42 16.87 -22.55 12.59
C HIS A 42 16.17 -22.63 11.23
N PHE A 43 14.83 -22.65 11.29
CA PHE A 43 13.96 -22.82 10.13
CA PHE A 43 13.94 -22.83 10.13
C PHE A 43 13.19 -21.52 9.91
N ASP A 44 13.45 -20.84 8.80
CA ASP A 44 12.74 -19.59 8.47
C ASP A 44 11.58 -19.89 7.53
N VAL A 45 10.37 -19.91 8.08
CA VAL A 45 9.17 -20.34 7.36
C VAL A 45 8.43 -19.11 6.88
N MET A 46 8.25 -19.00 5.56
CA MET A 46 7.65 -17.81 4.95
C MET A 46 6.53 -18.23 4.01
N ASP A 47 5.37 -17.57 4.12
CA ASP A 47 4.18 -17.95 3.34
C ASP A 47 3.86 -17.01 2.19
N ASN A 48 4.74 -16.08 1.84
CA ASN A 48 4.52 -15.12 0.76
C ASN A 48 3.44 -14.09 1.08
N HIS A 49 2.91 -14.10 2.30
CA HIS A 49 1.89 -13.16 2.73
C HIS A 49 2.38 -12.28 3.87
N TYR A 50 2.90 -12.87 4.93
CA TYR A 50 3.44 -12.04 6.01
C TYR A 50 4.74 -11.37 5.60
N VAL A 51 5.48 -12.03 4.71
CA VAL A 51 6.71 -11.51 4.12
C VAL A 51 6.68 -11.81 2.63
N PRO A 52 7.44 -11.06 1.82
CA PRO A 52 7.36 -11.21 0.36
C PRO A 52 8.28 -12.30 -0.17
N ASN A 53 8.20 -13.49 0.43
CA ASN A 53 8.99 -14.62 0.02
C ASN A 53 8.28 -15.87 0.53
N LEU A 54 8.55 -16.98 -0.14
CA LEU A 54 7.98 -18.28 0.18
CA LEU A 54 7.98 -18.28 0.22
C LEU A 54 9.14 -19.26 0.36
N THR A 55 9.20 -19.94 1.50
CA THR A 55 10.36 -20.81 1.75
C THR A 55 10.01 -22.29 1.83
N PHE A 56 9.69 -22.80 3.02
CA PHE A 56 9.52 -24.24 3.20
CA PHE A 56 9.48 -24.23 3.17
C PHE A 56 8.50 -24.53 4.29
N GLY A 57 7.72 -25.59 4.09
CA GLY A 57 6.67 -25.95 5.01
C GLY A 57 7.01 -27.12 5.92
N PRO A 58 5.99 -27.60 6.63
CA PRO A 58 6.21 -28.61 7.67
C PRO A 58 6.75 -29.93 7.15
N MET A 59 6.46 -30.29 5.90
CA MET A 59 7.01 -31.53 5.37
CA MET A 59 7.02 -31.55 5.39
CA MET A 59 7.01 -31.52 5.32
C MET A 59 8.54 -31.49 5.30
N VAL A 60 9.12 -30.30 5.16
CA VAL A 60 10.57 -30.19 5.15
C VAL A 60 11.12 -30.41 6.55
N CYS A 61 10.45 -29.85 7.56
CA CYS A 61 10.81 -30.11 8.94
C CYS A 61 10.74 -31.60 9.24
N ALA A 62 9.65 -32.26 8.84
CA ALA A 62 9.51 -33.69 9.08
C ALA A 62 10.63 -34.48 8.43
N ALA A 63 11.04 -34.08 7.22
CA ALA A 63 12.07 -34.81 6.50
C ALA A 63 13.44 -34.67 7.16
N LEU A 64 13.66 -33.56 7.87
CA LEU A 64 14.94 -33.33 8.52
C LEU A 64 14.98 -33.83 9.95
N LYS A 65 13.83 -34.15 10.53
CA LYS A 65 13.80 -34.68 11.89
C LYS A 65 14.78 -35.83 12.13
N PRO A 66 14.91 -36.83 11.25
CA PRO A 66 15.90 -37.90 11.51
C PRO A 66 17.35 -37.43 11.51
N TYR A 67 17.65 -36.30 10.87
CA TYR A 67 19.00 -35.76 10.81
C TYR A 67 19.29 -34.79 11.94
N ALA A 68 18.27 -34.29 12.62
CA ALA A 68 18.42 -33.21 13.59
C ALA A 68 18.59 -33.83 14.98
N SER A 69 19.84 -34.09 15.34
CA SER A 69 20.14 -34.51 16.72
C SER A 69 20.17 -33.35 17.70
N VAL A 70 19.98 -32.13 17.21
CA VAL A 70 19.80 -30.95 18.05
C VAL A 70 18.41 -30.41 17.74
N PRO A 71 17.87 -29.54 18.62
CA PRO A 71 16.48 -29.11 18.45
C PRO A 71 16.29 -28.25 17.22
N ILE A 72 15.09 -28.37 16.63
CA ILE A 72 14.69 -27.54 15.50
C ILE A 72 13.93 -26.33 16.01
N ASP A 73 14.35 -25.15 15.58
CA ASP A 73 13.82 -23.86 16.00
C ASP A 73 13.11 -23.24 14.80
N VAL A 74 11.78 -23.22 14.86
CA VAL A 74 10.96 -22.77 13.74
C VAL A 74 10.51 -21.34 13.96
N HIS A 75 10.90 -20.45 13.04
CA HIS A 75 10.50 -19.06 13.02
C HIS A 75 9.41 -18.90 11.96
N LEU A 76 8.17 -18.66 12.39
CA LEU A 76 7.04 -18.52 11.48
C LEU A 76 6.87 -17.07 11.04
N MET A 77 7.17 -16.81 9.78
CA MET A 77 6.87 -15.54 9.11
C MET A 77 5.69 -15.79 8.20
N VAL A 78 4.54 -16.05 8.82
CA VAL A 78 3.32 -16.46 8.16
C VAL A 78 2.17 -15.75 8.87
N GLU A 79 1.03 -15.68 8.19
CA GLU A 79 -0.16 -15.09 8.81
CA GLU A 79 -0.17 -15.10 8.82
C GLU A 79 -1.36 -15.76 8.13
N PRO A 80 -2.36 -16.29 8.88
CA PRO A 80 -2.30 -16.44 10.34
C PRO A 80 -1.35 -17.57 10.73
N VAL A 81 -1.29 -17.91 12.02
CA VAL A 81 -0.23 -18.76 12.53
C VAL A 81 -0.71 -20.09 13.09
N ASP A 82 -1.95 -20.24 13.53
CA ASP A 82 -2.28 -21.37 14.41
C ASP A 82 -2.22 -22.70 13.69
N ASP A 83 -2.64 -22.75 12.42
CA ASP A 83 -2.58 -24.02 11.70
C ASP A 83 -1.15 -24.49 11.53
N LEU A 84 -0.24 -23.58 11.20
CA LEU A 84 1.16 -23.99 11.02
C LEU A 84 1.86 -24.25 12.35
N ILE A 85 1.43 -23.61 13.44
CA ILE A 85 1.94 -24.00 14.75
C ILE A 85 1.70 -25.49 14.95
N GLN A 86 0.47 -25.93 14.68
CA GLN A 86 0.14 -27.34 14.90
C GLN A 86 0.91 -28.25 13.97
N SER A 87 1.01 -27.90 12.68
CA SER A 87 1.67 -28.82 11.77
CA SER A 87 1.68 -28.78 11.72
C SER A 87 3.18 -28.85 12.00
N PHE A 88 3.80 -27.73 12.37
CA PHE A 88 5.23 -27.79 12.67
C PHE A 88 5.51 -28.56 13.96
N ALA A 89 4.65 -28.42 14.96
CA ALA A 89 4.82 -29.21 16.16
C ALA A 89 4.73 -30.70 15.83
N LYS A 90 3.74 -31.08 15.03
CA LYS A 90 3.60 -32.49 14.68
C LYS A 90 4.76 -32.98 13.84
N ALA A 91 5.43 -32.09 13.11
CA ALA A 91 6.56 -32.43 12.26
C ALA A 91 7.88 -32.48 13.01
N GLY A 92 7.88 -32.18 14.31
CA GLY A 92 9.06 -32.37 15.13
C GLY A 92 9.76 -31.10 15.59
N ALA A 93 9.16 -29.93 15.41
CA ALA A 93 9.77 -28.72 15.92
C ALA A 93 9.91 -28.77 17.44
N SER A 94 10.98 -28.19 17.95
CA SER A 94 11.15 -28.04 19.39
C SER A 94 10.77 -26.65 19.89
N ILE A 95 11.07 -25.62 19.12
CA ILE A 95 10.76 -24.24 19.46
C ILE A 95 9.97 -23.67 18.29
N ILE A 96 8.93 -22.90 18.59
CA ILE A 96 8.17 -22.21 17.55
C ILE A 96 7.99 -20.76 17.98
N THR A 97 8.39 -19.84 17.10
CA THR A 97 8.22 -18.41 17.34
C THR A 97 7.38 -17.80 16.21
N PHE A 98 6.64 -16.74 16.53
CA PHE A 98 5.86 -16.06 15.50
C PHE A 98 5.82 -14.58 15.81
N HIS A 99 5.29 -13.80 14.86
CA HIS A 99 5.24 -12.35 15.02
C HIS A 99 3.90 -11.94 15.62
N PRO A 100 3.87 -11.13 16.67
CA PRO A 100 2.59 -10.77 17.29
C PRO A 100 1.62 -10.13 16.32
N GLU A 101 2.12 -9.36 15.35
CA GLU A 101 1.25 -8.73 14.37
C GLU A 101 0.50 -9.73 13.51
N ALA A 102 0.98 -10.98 13.44
CA ALA A 102 0.41 -11.98 12.55
C ALA A 102 -0.71 -12.81 13.18
N SER A 103 -1.00 -12.61 14.47
CA SER A 103 -2.04 -13.37 15.15
C SER A 103 -2.98 -12.40 15.84
N ARG A 104 -4.29 -12.55 15.60
CA ARG A 104 -5.25 -11.72 16.31
C ARG A 104 -5.25 -12.00 17.79
N HIS A 105 -4.95 -13.23 18.19
CA HIS A 105 -5.05 -13.68 19.58
C HIS A 105 -3.71 -14.25 20.00
N ILE A 106 -2.79 -13.34 20.31
CA ILE A 106 -1.39 -13.69 20.57
C ILE A 106 -1.28 -14.66 21.74
N ASP A 107 -2.03 -14.39 22.81
CA ASP A 107 -1.94 -15.24 24.00
C ASP A 107 -2.38 -16.67 23.68
N ARG A 108 -3.49 -16.81 22.94
CA ARG A 108 -3.96 -18.13 22.50
C ARG A 108 -2.90 -18.84 21.67
N SER A 109 -2.28 -18.14 20.73
CA SER A 109 -1.28 -18.78 19.87
C SER A 109 -0.07 -19.25 20.66
N LEU A 110 0.39 -18.44 21.61
CA LEU A 110 1.52 -18.86 22.45
C LEU A 110 1.14 -20.06 23.31
N SER A 111 -0.06 -20.05 23.88
CA SER A 111 -0.52 -21.17 24.68
CA SER A 111 -0.52 -21.18 24.68
C SER A 111 -0.57 -22.44 23.83
N LEU A 112 -1.02 -22.32 22.58
CA LEU A 112 -1.12 -23.47 21.70
C LEU A 112 0.25 -24.08 21.45
N ILE A 113 1.28 -23.26 21.28
CA ILE A 113 2.62 -23.79 21.05
C ILE A 113 3.04 -24.69 22.21
N ARG A 114 2.85 -24.21 23.44
CA ARG A 114 3.22 -25.02 24.59
C ARG A 114 2.32 -26.25 24.71
N ASP A 115 1.03 -26.11 24.41
CA ASP A 115 0.13 -27.26 24.52
C ASP A 115 0.45 -28.33 23.48
N MET A 116 1.09 -27.96 22.38
CA MET A 116 1.60 -28.91 21.39
C MET A 116 2.95 -29.49 21.78
N GLY A 117 3.48 -29.14 22.95
CA GLY A 117 4.72 -29.71 23.46
C GLY A 117 5.98 -28.95 23.11
N CYS A 118 5.89 -27.73 22.62
CA CYS A 118 7.05 -26.98 22.14
C CYS A 118 7.31 -25.78 23.03
N GLN A 119 8.55 -25.27 22.96
CA GLN A 119 8.85 -23.98 23.55
C GLN A 119 8.30 -22.88 22.65
N ALA A 120 7.81 -21.80 23.25
CA ALA A 120 7.08 -20.75 22.55
C ALA A 120 7.83 -19.43 22.60
N GLY A 121 7.74 -18.65 21.51
CA GLY A 121 8.35 -17.34 21.51
C GLY A 121 7.65 -16.37 20.59
N LEU A 122 7.96 -15.08 20.80
CA LEU A 122 7.52 -14.02 19.91
C LEU A 122 8.73 -13.39 19.24
N VAL A 123 8.50 -12.87 18.04
CA VAL A 123 9.51 -12.21 17.23
C VAL A 123 9.19 -10.73 17.13
N LEU A 124 10.21 -9.88 17.31
CA LEU A 124 10.09 -8.43 17.13
C LEU A 124 10.76 -8.03 15.82
N ASN A 125 9.97 -7.55 14.86
CA ASN A 125 10.52 -6.86 13.70
C ASN A 125 11.30 -5.62 14.16
N PRO A 126 12.19 -5.09 13.32
CA PRO A 126 12.91 -3.87 13.73
C PRO A 126 12.03 -2.76 14.29
N ALA A 127 10.88 -2.49 13.69
CA ALA A 127 10.03 -1.42 14.21
C ALA A 127 9.15 -1.82 15.39
N THR A 128 8.99 -3.10 15.69
CA THR A 128 8.00 -3.52 16.68
C THR A 128 8.45 -3.13 18.08
N PRO A 129 7.60 -2.45 18.86
CA PRO A 129 7.99 -2.05 20.23
C PRO A 129 8.11 -3.25 21.16
N VAL A 130 9.00 -3.13 22.14
CA VAL A 130 9.19 -4.21 23.09
C VAL A 130 7.97 -4.39 23.99
N TYR A 131 7.13 -3.37 24.14
CA TYR A 131 6.00 -3.47 25.07
C TYR A 131 5.00 -4.54 24.66
N VAL A 132 5.04 -4.99 23.40
CA VAL A 132 4.16 -6.06 22.98
C VAL A 132 4.40 -7.36 23.75
N LEU A 133 5.53 -7.47 24.47
CA LEU A 133 5.85 -8.66 25.25
C LEU A 133 5.33 -8.61 26.68
N GLU A 134 4.98 -7.43 27.20
CA GLU A 134 4.86 -7.25 28.65
CA GLU A 134 4.86 -7.23 28.64
C GLU A 134 3.69 -8.01 29.25
N ASN A 135 2.69 -8.39 28.46
CA ASN A 135 1.53 -9.07 29.01
C ASN A 135 1.49 -10.56 28.71
N VAL A 136 2.57 -11.11 28.17
CA VAL A 136 2.62 -12.54 27.86
C VAL A 136 3.91 -13.18 28.36
N LEU A 137 4.58 -12.57 29.34
CA LEU A 137 5.86 -13.11 29.80
C LEU A 137 5.70 -14.53 30.34
N ASP A 138 4.56 -14.82 30.99
CA ASP A 138 4.33 -16.17 31.49
C ASP A 138 4.17 -17.20 30.39
N ARG A 139 3.92 -16.76 29.16
CA ARG A 139 3.74 -17.64 28.01
C ARG A 139 5.03 -17.89 27.24
N LEU A 140 6.08 -17.13 27.54
CA LEU A 140 7.24 -17.08 26.66
C LEU A 140 8.39 -17.93 27.17
N ASP A 141 9.01 -18.66 26.25
CA ASP A 141 10.29 -19.29 26.50
C ASP A 141 11.44 -18.57 25.82
N MET A 142 11.15 -17.80 24.77
CA MET A 142 12.20 -17.11 24.03
C MET A 142 11.59 -15.88 23.38
N VAL A 143 12.44 -14.86 23.20
CA VAL A 143 12.12 -13.70 22.38
C VAL A 143 13.16 -13.63 21.28
N LEU A 144 12.71 -13.53 20.04
CA LEU A 144 13.61 -13.32 18.91
C LEU A 144 13.52 -11.88 18.46
N LEU A 145 14.66 -11.20 18.40
CA LEU A 145 14.72 -9.86 17.83
C LEU A 145 15.32 -9.96 16.43
N MET A 146 14.58 -9.49 15.43
CA MET A 146 15.11 -9.36 14.09
C MET A 146 16.05 -8.15 14.01
N SER A 147 17.26 -8.37 13.52
CA SER A 147 18.20 -7.30 13.25
C SER A 147 18.24 -6.95 11.76
N VAL A 148 17.35 -7.54 10.98
CA VAL A 148 17.09 -7.18 9.59
C VAL A 148 15.58 -7.27 9.38
N ASN A 149 15.11 -6.69 8.30
CA ASN A 149 13.69 -6.87 7.96
C ASN A 149 13.49 -8.29 7.46
N PRO A 150 12.59 -9.07 8.05
CA PRO A 150 12.46 -10.49 7.66
C PRO A 150 12.07 -10.67 6.21
N GLY A 151 12.56 -11.77 5.64
CA GLY A 151 12.23 -12.15 4.29
C GLY A 151 13.40 -12.75 3.56
N PHE A 152 14.62 -12.31 3.90
CA PHE A 152 15.79 -12.65 3.08
C PHE A 152 17.02 -12.78 3.98
N GLY A 153 17.92 -13.68 3.59
CA GLY A 153 19.22 -13.74 4.21
C GLY A 153 20.17 -12.75 3.58
N GLY A 154 21.38 -12.68 4.14
CA GLY A 154 22.44 -11.88 3.55
C GLY A 154 22.32 -10.38 3.74
N GLN A 155 21.39 -9.90 4.57
CA GLN A 155 21.20 -8.48 4.81
C GLN A 155 22.12 -8.01 5.95
N SER A 156 22.20 -6.69 6.15
CA SER A 156 23.11 -6.11 7.12
C SER A 156 22.42 -5.81 8.45
N PHE A 157 23.12 -6.15 9.53
CA PHE A 157 22.62 -5.93 10.89
C PHE A 157 22.29 -4.46 11.12
N ILE A 158 21.08 -4.21 11.61
CA ILE A 158 20.61 -2.85 11.90
C ILE A 158 21.15 -2.43 13.26
N PRO A 159 21.98 -1.39 13.33
CA PRO A 159 22.67 -1.07 14.61
C PRO A 159 21.73 -0.83 15.78
N HIS A 160 20.58 -0.20 15.55
CA HIS A 160 19.64 0.06 16.63
C HIS A 160 19.17 -1.20 17.35
N THR A 161 19.30 -2.36 16.71
CA THR A 161 18.93 -3.62 17.37
C THR A 161 19.63 -3.78 18.71
N LEU A 162 20.88 -3.33 18.84
CA LEU A 162 21.59 -3.48 20.10
C LEU A 162 20.84 -2.83 21.25
N GLU A 163 20.27 -1.63 21.03
CA GLU A 163 19.52 -0.97 22.07
C GLU A 163 18.26 -1.76 22.42
N LYS A 164 17.58 -2.31 21.42
CA LYS A 164 16.40 -3.12 21.69
C LYS A 164 16.76 -4.39 22.46
N ILE A 165 17.88 -5.02 22.12
CA ILE A 165 18.33 -6.20 22.86
C ILE A 165 18.53 -5.85 24.33
N ARG A 166 19.19 -4.72 24.59
CA ARG A 166 19.39 -4.27 25.96
C ARG A 166 18.07 -4.06 26.67
N GLN A 167 17.10 -3.46 25.97
CA GLN A 167 15.79 -3.20 26.58
CA GLN A 167 15.79 -3.20 26.59
C GLN A 167 15.07 -4.50 26.91
N VAL A 168 15.10 -5.46 25.99
CA VAL A 168 14.46 -6.75 26.25
C VAL A 168 15.16 -7.48 27.38
N ARG A 169 16.49 -7.46 27.41
CA ARG A 169 17.21 -8.15 28.47
C ARG A 169 16.86 -7.57 29.85
N ALA A 170 16.71 -6.25 29.94
CA ALA A 170 16.32 -5.66 31.21
C ALA A 170 14.91 -6.10 31.62
N MET A 171 13.98 -6.13 30.67
CA MET A 171 12.63 -6.60 30.97
C MET A 171 12.65 -8.05 31.42
N LEU A 172 13.39 -8.90 30.71
CA LEU A 172 13.45 -10.32 31.06
C LEU A 172 14.21 -10.56 32.36
N ASP A 173 15.22 -9.73 32.66
CA ASP A 173 15.89 -9.83 33.95
C ASP A 173 14.93 -9.56 35.10
N ARG A 174 14.11 -8.51 34.96
CA ARG A 174 13.14 -8.22 36.01
C ARG A 174 12.13 -9.36 36.13
N TYR A 175 11.71 -9.93 35.00
CA TYR A 175 10.76 -11.04 35.05
C TYR A 175 11.38 -12.27 35.70
N GLU A 176 12.65 -12.56 35.40
CA GLU A 176 13.30 -13.70 36.04
C GLU A 176 13.37 -13.52 37.55
N GLY A 177 13.56 -12.28 38.00
CA GLY A 177 13.58 -12.04 39.45
C GLY A 177 12.23 -12.28 40.08
N LYS A 178 11.15 -11.93 39.38
CA LYS A 178 9.82 -12.14 39.94
C LYS A 178 9.39 -13.59 39.88
N SER A 179 9.71 -14.29 38.79
CA SER A 179 9.18 -15.61 38.51
C SER A 179 10.17 -16.74 38.68
N GLY A 180 11.47 -16.45 38.71
CA GLY A 180 12.48 -17.49 38.67
C GLY A 180 12.71 -18.11 37.31
N ARG A 181 12.05 -17.63 36.26
CA ARG A 181 12.15 -18.19 34.91
CA ARG A 181 12.17 -18.20 34.92
C ARG A 181 13.02 -17.31 34.04
N ARG A 182 14.00 -17.90 33.37
CA ARG A 182 14.84 -17.19 32.42
C ARG A 182 14.32 -17.41 31.00
N ILE A 183 13.89 -16.33 30.36
CA ILE A 183 13.46 -16.36 28.96
C ILE A 183 14.68 -16.06 28.10
N ALA A 184 14.89 -16.88 27.08
CA ALA A 184 16.05 -16.72 26.20
C ALA A 184 15.85 -15.58 25.22
N ILE A 185 16.95 -14.98 24.78
CA ILE A 185 16.95 -13.92 23.77
C ILE A 185 17.73 -14.39 22.56
N GLU A 186 17.05 -14.49 21.43
CA GLU A 186 17.64 -14.86 20.15
C GLU A 186 17.69 -13.63 19.26
N VAL A 187 18.68 -13.57 18.38
CA VAL A 187 18.79 -12.49 17.40
C VAL A 187 19.06 -13.11 16.03
N ASP A 188 18.44 -12.55 15.00
CA ASP A 188 18.48 -13.09 13.64
CA ASP A 188 18.60 -13.07 13.65
C ASP A 188 18.63 -11.93 12.65
N GLY A 189 19.69 -11.93 11.86
CA GLY A 189 19.82 -10.96 10.78
C GLY A 189 21.20 -10.35 10.68
N GLY A 190 22.00 -10.82 9.71
CA GLY A 190 23.32 -10.24 9.50
C GLY A 190 24.32 -10.51 10.61
N ILE A 191 24.15 -11.59 11.37
CA ILE A 191 25.11 -11.90 12.42
C ILE A 191 26.34 -12.55 11.80
N LYS A 192 27.51 -12.03 12.15
CA LYS A 192 28.78 -12.47 11.58
C LYS A 192 29.76 -12.63 12.73
N THR A 193 30.87 -13.32 12.44
CA THR A 193 31.92 -13.44 13.45
C THR A 193 32.33 -12.07 13.98
N ASP A 194 32.40 -11.07 13.09
CA ASP A 194 32.89 -9.76 13.48
C ASP A 194 31.91 -8.93 14.29
N ASN A 195 30.65 -9.34 14.41
CA ASN A 195 29.72 -8.59 15.25
C ASN A 195 29.06 -9.41 16.34
N ILE A 196 29.34 -10.70 16.43
CA ILE A 196 28.58 -11.55 17.36
C ILE A 196 28.88 -11.17 18.82
N ALA A 197 30.10 -10.75 19.13
CA ALA A 197 30.41 -10.35 20.51
C ALA A 197 29.57 -9.17 20.94
N ALA A 198 29.37 -8.19 20.05
CA ALA A 198 28.56 -7.04 20.40
C ALA A 198 27.11 -7.43 20.64
N VAL A 199 26.60 -8.41 19.88
CA VAL A 199 25.24 -8.88 20.09
C VAL A 199 25.10 -9.55 21.45
N ALA A 200 26.10 -10.36 21.82
CA ALA A 200 26.09 -10.99 23.13
C ALA A 200 26.21 -9.95 24.24
N ARG A 201 27.10 -8.97 24.08
CA ARG A 201 27.27 -7.95 25.12
C ARG A 201 25.98 -7.17 25.35
N ALA A 202 25.18 -7.00 24.30
CA ALA A 202 23.91 -6.31 24.46
C ALA A 202 22.90 -7.13 25.27
N GLY A 203 23.08 -8.44 25.36
CA GLY A 203 22.25 -9.26 26.22
C GLY A 203 21.66 -10.50 25.59
N ALA A 204 21.99 -10.79 24.34
CA ALA A 204 21.45 -11.97 23.66
C ALA A 204 22.23 -13.22 24.03
N ASP A 205 21.58 -14.37 23.90
CA ASP A 205 22.23 -15.64 24.18
C ASP A 205 22.14 -16.66 23.06
N THR A 206 21.28 -16.45 22.07
CA THR A 206 21.10 -17.40 20.98
C THR A 206 21.25 -16.62 19.68
N PHE A 207 22.09 -17.11 18.78
CA PHE A 207 22.51 -16.34 17.61
C PHE A 207 22.22 -17.13 16.35
N VAL A 208 21.32 -16.61 15.51
CA VAL A 208 20.98 -17.22 14.23
C VAL A 208 21.92 -16.65 13.19
N ALA A 209 22.52 -17.53 12.40
CA ALA A 209 23.38 -17.08 11.31
C ALA A 209 23.16 -17.99 10.10
N GLY A 210 22.93 -17.37 8.94
CA GLY A 210 22.74 -18.10 7.71
C GLY A 210 23.92 -17.98 6.79
N SER A 211 24.01 -16.82 6.11
CA SER A 211 25.05 -16.65 5.11
C SER A 211 26.45 -16.73 5.70
N ALA A 212 26.64 -16.28 6.95
CA ALA A 212 27.98 -16.33 7.54
C ALA A 212 28.49 -17.74 7.73
N ILE A 213 27.60 -18.73 7.84
CA ILE A 213 28.00 -20.11 8.05
C ILE A 213 27.88 -20.89 6.73
N PHE A 214 26.66 -21.01 6.21
CA PHE A 214 26.43 -21.81 5.01
C PHE A 214 27.07 -21.22 3.76
N GLY A 215 27.30 -19.91 3.73
CA GLY A 215 27.98 -19.32 2.58
C GLY A 215 29.48 -19.47 2.58
N LYS A 216 30.05 -20.17 3.56
CA LYS A 216 31.48 -20.40 3.69
C LYS A 216 31.81 -21.86 3.50
N PRO A 217 33.04 -22.20 3.11
CA PRO A 217 33.36 -23.60 2.81
C PRO A 217 33.53 -24.50 4.02
N ASP A 218 33.90 -23.95 5.17
CA ASP A 218 34.24 -24.75 6.35
C ASP A 218 33.37 -24.27 7.53
N TYR A 219 32.29 -25.01 7.80
CA TYR A 219 31.40 -24.62 8.88
C TYR A 219 32.08 -24.74 10.24
N LYS A 220 32.98 -25.72 10.40
CA LYS A 220 33.68 -25.86 11.67
C LYS A 220 34.50 -24.61 11.96
N ALA A 221 35.19 -24.08 10.95
CA ALA A 221 36.02 -22.90 11.16
C ALA A 221 35.17 -21.70 11.57
N VAL A 222 34.03 -21.50 10.89
CA VAL A 222 33.19 -20.34 11.19
C VAL A 222 32.65 -20.43 12.61
N ILE A 223 32.07 -21.58 12.97
CA ILE A 223 31.47 -21.70 14.29
C ILE A 223 32.54 -21.57 15.38
N ALA A 224 33.72 -22.17 15.15
CA ALA A 224 34.80 -21.99 16.12
C ALA A 224 35.18 -20.52 16.27
N ALA A 225 35.25 -19.80 15.15
CA ALA A 225 35.59 -18.38 15.22
C ALA A 225 34.52 -17.60 15.98
N MET A 226 33.25 -17.92 15.76
CA MET A 226 32.17 -17.29 16.52
C MET A 226 32.31 -17.61 18.02
N ARG A 227 32.60 -18.87 18.36
CA ARG A 227 32.79 -19.24 19.75
C ARG A 227 33.91 -18.44 20.39
N ALA A 228 34.99 -18.19 19.64
CA ALA A 228 36.13 -17.46 20.21
C ALA A 228 35.76 -16.00 20.47
N GLU A 229 34.97 -15.39 19.59
CA GLU A 229 34.53 -14.03 19.83
C GLU A 229 33.57 -13.97 21.01
N LEU A 230 32.71 -14.97 21.17
CA LEU A 230 31.79 -15.01 22.29
C LEU A 230 32.53 -15.19 23.61
N GLU A 231 33.64 -15.93 23.60
CA GLU A 231 34.41 -16.08 24.83
C GLU A 231 35.01 -14.75 25.27
N LYS A 232 35.23 -13.84 24.31
CA LYS A 232 35.64 -12.48 24.62
C LYS A 232 34.48 -11.59 25.05
N ALA A 233 33.24 -12.03 24.83
CA ALA A 233 32.07 -11.24 25.22
C ALA A 233 31.67 -11.55 26.66
N ALA B 11 12.37 27.06 10.14
CA ALA B 11 11.27 27.89 9.63
C ALA B 11 9.97 27.08 9.56
N TYR B 12 8.84 27.76 9.81
CA TYR B 12 7.55 27.12 9.68
C TYR B 12 7.19 26.93 8.22
N ARG B 13 6.62 25.77 7.90
CA ARG B 13 6.21 25.43 6.54
C ARG B 13 4.70 25.29 6.50
N ILE B 14 4.07 25.89 5.50
CA ILE B 14 2.64 25.75 5.26
C ILE B 14 2.46 24.89 4.02
N ALA B 15 1.64 23.84 4.14
CA ALA B 15 1.52 22.79 3.12
C ALA B 15 0.05 22.66 2.73
N PRO B 16 -0.41 23.44 1.75
CA PRO B 16 -1.82 23.33 1.35
C PRO B 16 -2.13 21.95 0.80
N SER B 17 -3.29 21.43 1.16
CA SER B 17 -3.72 20.09 0.79
CA SER B 17 -3.69 20.08 0.76
C SER B 17 -4.66 20.15 -0.41
N ILE B 18 -4.24 19.59 -1.55
CA ILE B 18 -5.05 19.62 -2.75
C ILE B 18 -6.33 18.80 -2.68
N LEU B 19 -6.49 17.97 -1.64
CA LEU B 19 -7.76 17.31 -1.40
C LEU B 19 -8.92 18.30 -1.43
N SER B 20 -8.67 19.56 -1.05
CA SER B 20 -9.70 20.59 -1.01
C SER B 20 -9.69 21.50 -2.23
N ALA B 21 -8.86 21.24 -3.23
CA ALA B 21 -8.73 22.12 -4.38
C ALA B 21 -9.73 21.74 -5.48
N ASP B 22 -9.78 22.58 -6.50
CA ASP B 22 -10.62 22.35 -7.68
C ASP B 22 -9.89 21.39 -8.62
N PHE B 23 -10.36 20.14 -8.67
CA PHE B 23 -9.69 19.13 -9.48
CA PHE B 23 -9.64 19.17 -9.48
C PHE B 23 -9.84 19.35 -10.98
N ALA B 24 -10.72 20.26 -11.38
CA ALA B 24 -10.80 20.57 -12.81
C ALA B 24 -9.71 21.54 -13.25
N ARG B 25 -9.01 22.18 -12.32
CA ARG B 25 -8.01 23.20 -12.62
CA ARG B 25 -8.00 23.20 -12.64
C ARG B 25 -6.82 23.05 -11.68
N LEU B 26 -6.27 21.83 -11.59
CA LEU B 26 -5.32 21.53 -10.52
CA LEU B 26 -5.33 21.53 -10.52
C LEU B 26 -4.00 22.27 -10.72
N GLY B 27 -3.55 22.42 -11.97
CA GLY B 27 -2.32 23.14 -12.22
C GLY B 27 -2.42 24.59 -11.79
N GLU B 28 -3.52 25.25 -12.12
CA GLU B 28 -3.76 26.62 -11.66
C GLU B 28 -3.80 26.68 -10.14
N GLU B 29 -4.49 25.72 -9.51
CA GLU B 29 -4.58 25.71 -8.05
C GLU B 29 -3.20 25.61 -7.42
N VAL B 30 -2.36 24.72 -7.94
CA VAL B 30 -1.01 24.58 -7.40
C VAL B 30 -0.21 25.86 -7.62
N ALA B 31 -0.25 26.40 -8.85
CA ALA B 31 0.46 27.65 -9.12
C ALA B 31 -0.02 28.77 -8.20
N ASN B 32 -1.33 28.85 -7.96
CA ASN B 32 -1.85 29.95 -7.16
C ASN B 32 -1.47 29.82 -5.70
N VAL B 33 -1.44 28.60 -5.16
CA VAL B 33 -1.05 28.46 -3.75
CA VAL B 33 -1.07 28.47 -3.75
C VAL B 33 0.43 28.68 -3.56
N ILE B 34 1.23 28.33 -4.56
CA ILE B 34 2.66 28.64 -4.50
C ILE B 34 2.86 30.16 -4.55
N ALA B 35 2.10 30.85 -5.42
CA ALA B 35 2.17 32.31 -5.47
C ALA B 35 1.78 32.93 -4.13
N ALA B 36 1.00 32.23 -3.33
CA ALA B 36 0.52 32.71 -2.03
C ALA B 36 1.48 32.40 -0.90
N GLY B 37 2.54 31.62 -1.16
CA GLY B 37 3.55 31.34 -0.16
C GLY B 37 3.64 29.91 0.33
N ALA B 38 3.00 28.96 -0.36
CA ALA B 38 3.08 27.57 0.06
C ALA B 38 4.52 27.09 0.06
N ASP B 39 4.89 26.31 1.08
CA ASP B 39 6.22 25.71 1.15
C ASP B 39 6.26 24.29 0.60
N LEU B 40 5.13 23.60 0.63
CA LEU B 40 4.99 22.23 0.14
C LEU B 40 3.61 22.10 -0.46
N ILE B 41 3.43 21.14 -1.36
CA ILE B 41 2.12 20.77 -1.86
C ILE B 41 1.78 19.42 -1.24
N HIS B 42 0.72 19.38 -0.42
CA HIS B 42 0.37 18.17 0.30
C HIS B 42 -0.66 17.33 -0.48
N PHE B 43 -0.32 16.05 -0.68
CA PHE B 43 -1.08 15.12 -1.50
CA PHE B 43 -1.10 15.11 -1.49
C PHE B 43 -1.66 14.04 -0.58
N ASP B 44 -2.98 14.01 -0.43
CA ASP B 44 -3.65 12.99 0.41
C ASP B 44 -4.12 11.83 -0.47
N VAL B 45 -3.38 10.73 -0.42
CA VAL B 45 -3.58 9.59 -1.32
C VAL B 45 -4.37 8.52 -0.57
N MET B 46 -5.54 8.17 -1.08
CA MET B 46 -6.45 7.25 -0.41
C MET B 46 -6.89 6.16 -1.38
N ASP B 47 -6.83 4.90 -0.94
CA ASP B 47 -7.12 3.76 -1.82
C ASP B 47 -8.45 3.08 -1.56
N ASN B 48 -9.33 3.68 -0.76
CA ASN B 48 -10.64 3.12 -0.41
C ASN B 48 -10.55 1.87 0.46
N HIS B 49 -9.35 1.50 0.91
CA HIS B 49 -9.18 0.34 1.77
C HIS B 49 -8.62 0.73 3.13
N TYR B 50 -7.53 1.50 3.16
CA TYR B 50 -7.01 1.93 4.46
C TYR B 50 -7.91 2.99 5.08
N VAL B 51 -8.59 3.78 4.24
CA VAL B 51 -9.59 4.76 4.65
C VAL B 51 -10.78 4.63 3.72
N PRO B 52 -11.96 5.06 4.14
CA PRO B 52 -13.18 4.88 3.34
C PRO B 52 -13.40 5.95 2.28
N ASN B 53 -12.36 6.24 1.50
CA ASN B 53 -12.42 7.23 0.44
C ASN B 53 -11.31 6.89 -0.54
N LEU B 54 -11.49 7.37 -1.77
CA LEU B 54 -10.56 7.14 -2.88
C LEU B 54 -10.26 8.51 -3.48
N THR B 55 -8.97 8.86 -3.57
CA THR B 55 -8.64 10.22 -4.04
C THR B 55 -7.90 10.21 -5.38
N PHE B 56 -6.57 10.11 -5.35
CA PHE B 56 -5.79 10.32 -6.57
C PHE B 56 -4.47 9.57 -6.48
N GLY B 57 -4.04 9.06 -7.63
CA GLY B 57 -2.86 8.22 -7.69
C GLY B 57 -1.65 8.92 -8.26
N PRO B 58 -0.60 8.14 -8.54
CA PRO B 58 0.69 8.74 -8.93
C PRO B 58 0.64 9.51 -10.23
N MET B 59 -0.26 9.17 -11.15
CA MET B 59 -0.34 9.94 -12.40
CA MET B 59 -0.31 9.93 -12.40
CA MET B 59 -0.38 9.92 -12.41
C MET B 59 -0.73 11.38 -12.15
N VAL B 60 -1.48 11.65 -11.08
CA VAL B 60 -1.83 13.02 -10.75
C VAL B 60 -0.60 13.77 -10.23
N CYS B 61 0.20 13.09 -9.41
CA CYS B 61 1.48 13.66 -8.97
C CYS B 61 2.38 13.98 -10.17
N ALA B 62 2.53 13.04 -11.10
CA ALA B 62 3.35 13.28 -12.28
C ALA B 62 2.84 14.47 -13.08
N ALA B 63 1.51 14.60 -13.20
CA ALA B 63 0.95 15.68 -14.01
C ALA B 63 1.19 17.04 -13.36
N LEU B 64 1.35 17.08 -12.04
CA LEU B 64 1.55 18.34 -11.33
C LEU B 64 3.01 18.68 -11.14
N LYS B 65 3.91 17.72 -11.34
CA LYS B 65 5.34 17.97 -11.16
C LYS B 65 5.83 19.21 -11.90
N PRO B 66 5.45 19.48 -13.16
CA PRO B 66 5.95 20.70 -13.82
C PRO B 66 5.41 21.98 -13.22
N TYR B 67 4.32 21.93 -12.48
CA TYR B 67 3.77 23.10 -11.80
C TYR B 67 4.31 23.28 -10.39
N ALA B 68 4.90 22.23 -9.82
CA ALA B 68 5.29 22.26 -8.41
C ALA B 68 6.74 22.72 -8.30
N SER B 69 6.92 24.04 -8.14
CA SER B 69 8.25 24.58 -7.87
C SER B 69 8.65 24.45 -6.41
N VAL B 70 7.75 23.95 -5.57
CA VAL B 70 8.07 23.59 -4.19
C VAL B 70 7.88 22.08 -4.07
N PRO B 71 8.42 21.47 -3.02
CA PRO B 71 8.36 20.00 -2.92
C PRO B 71 6.95 19.49 -2.74
N ILE B 72 6.72 18.28 -3.27
CA ILE B 72 5.46 17.57 -3.12
C ILE B 72 5.58 16.60 -1.96
N ASP B 73 4.62 16.68 -1.04
CA ASP B 73 4.59 15.91 0.20
C ASP B 73 3.42 14.93 0.09
N VAL B 74 3.73 13.66 -0.08
CA VAL B 74 2.72 12.63 -0.33
C VAL B 74 2.42 11.91 0.96
N HIS B 75 1.15 11.95 1.38
CA HIS B 75 0.66 11.23 2.55
C HIS B 75 -0.14 10.02 2.04
N LEU B 76 0.41 8.82 2.24
CA LEU B 76 -0.22 7.58 1.78
C LEU B 76 -1.17 7.06 2.85
N MET B 77 -2.47 7.14 2.57
CA MET B 77 -3.51 6.47 3.34
C MET B 77 -3.99 5.28 2.52
N VAL B 78 -3.08 4.31 2.39
CA VAL B 78 -3.25 3.14 1.52
C VAL B 78 -2.67 1.95 2.25
N GLU B 79 -3.07 0.74 1.82
CA GLU B 79 -2.51 -0.47 2.40
CA GLU B 79 -2.53 -0.48 2.41
C GLU B 79 -2.58 -1.55 1.32
N PRO B 80 -1.49 -2.30 1.05
CA PRO B 80 -0.15 -2.03 1.58
C PRO B 80 0.46 -0.81 0.92
N VAL B 81 1.74 -0.52 1.22
CA VAL B 81 2.31 0.76 0.86
C VAL B 81 3.48 0.68 -0.13
N ASP B 82 4.19 -0.43 -0.25
CA ASP B 82 5.49 -0.38 -0.92
C ASP B 82 5.37 -0.10 -2.41
N ASP B 83 4.34 -0.62 -3.07
CA ASP B 83 4.23 -0.36 -4.52
C ASP B 83 3.97 1.12 -4.77
N LEU B 84 3.11 1.74 -3.97
CA LEU B 84 2.82 3.16 -4.18
C LEU B 84 3.96 4.06 -3.72
N ILE B 85 4.76 3.63 -2.72
CA ILE B 85 5.99 4.36 -2.41
C ILE B 85 6.82 4.50 -3.67
N GLN B 86 7.02 3.38 -4.37
CA GLN B 86 7.86 3.42 -5.57
C GLN B 86 7.24 4.28 -6.66
N SER B 87 5.93 4.13 -6.90
CA SER B 87 5.36 4.87 -8.02
CA SER B 87 5.29 4.86 -7.99
C SER B 87 5.26 6.36 -7.72
N PHE B 88 5.01 6.75 -6.46
CA PHE B 88 5.00 8.19 -6.16
C PHE B 88 6.40 8.78 -6.22
N ALA B 89 7.40 8.04 -5.77
CA ALA B 89 8.77 8.52 -5.92
C ALA B 89 9.09 8.75 -7.38
N LYS B 90 8.74 7.79 -8.24
CA LYS B 90 9.03 7.94 -9.66
C LYS B 90 8.25 9.09 -10.28
N ALA B 91 7.10 9.43 -9.71
CA ALA B 91 6.25 10.50 -10.21
C ALA B 91 6.67 11.88 -9.70
N GLY B 92 7.71 11.97 -8.88
CA GLY B 92 8.26 13.24 -8.48
C GLY B 92 8.00 13.67 -7.05
N ALA B 93 7.51 12.78 -6.18
CA ALA B 93 7.34 13.14 -4.79
C ALA B 93 8.68 13.45 -4.15
N SER B 94 8.69 14.41 -3.22
CA SER B 94 9.87 14.71 -2.42
C SER B 94 9.83 14.10 -1.03
N ILE B 95 8.65 14.03 -0.41
CA ILE B 95 8.45 13.45 0.90
C ILE B 95 7.34 12.42 0.75
N ILE B 96 7.51 11.26 1.39
CA ILE B 96 6.46 10.24 1.43
C ILE B 96 6.29 9.80 2.87
N THR B 97 5.05 9.85 3.36
CA THR B 97 4.71 9.38 4.70
C THR B 97 3.64 8.30 4.58
N PHE B 98 3.62 7.37 5.54
CA PHE B 98 2.60 6.34 5.54
C PHE B 98 2.27 5.98 6.99
N HIS B 99 1.20 5.21 7.17
CA HIS B 99 0.75 4.81 8.50
C HIS B 99 1.38 3.49 8.90
N PRO B 100 2.01 3.40 10.07
CA PRO B 100 2.68 2.14 10.46
C PRO B 100 1.76 0.94 10.43
N GLU B 101 0.48 1.13 10.76
CA GLU B 101 -0.46 0.01 10.74
C GLU B 101 -0.66 -0.56 9.35
N ALA B 102 -0.30 0.17 8.30
CA ALA B 102 -0.56 -0.23 6.93
C ALA B 102 0.58 -1.03 6.30
N SER B 103 1.70 -1.22 6.99
CA SER B 103 2.84 -1.95 6.46
C SER B 103 3.24 -3.02 7.47
N ARG B 104 3.33 -4.26 7.02
CA ARG B 104 3.82 -5.33 7.90
C ARG B 104 5.26 -5.10 8.29
N HIS B 105 6.04 -4.44 7.44
CA HIS B 105 7.48 -4.26 7.65
C HIS B 105 7.81 -2.77 7.54
N ILE B 106 7.54 -2.08 8.65
CA ILE B 106 7.63 -0.62 8.69
C ILE B 106 9.05 -0.16 8.39
N ASP B 107 10.05 -0.81 8.99
CA ASP B 107 11.42 -0.39 8.78
C ASP B 107 11.80 -0.51 7.30
N ARG B 108 11.45 -1.63 6.67
CA ARG B 108 11.69 -1.82 5.24
C ARG B 108 11.03 -0.73 4.42
N SER B 109 9.78 -0.40 4.73
CA SER B 109 9.07 0.61 3.94
C SER B 109 9.71 1.98 4.08
N LEU B 110 10.13 2.36 5.30
CA LEU B 110 10.81 3.64 5.48
C LEU B 110 12.14 3.66 4.75
N SER B 111 12.88 2.56 4.81
CA SER B 111 14.15 2.47 4.10
CA SER B 111 14.15 2.47 4.10
C SER B 111 13.95 2.63 2.60
N LEU B 112 12.88 2.02 2.08
CA LEU B 112 12.58 2.09 0.65
C LEU B 112 12.33 3.53 0.22
N ILE B 113 11.62 4.31 1.05
CA ILE B 113 11.37 5.70 0.69
C ILE B 113 12.67 6.45 0.48
N ARG B 114 13.62 6.29 1.42
CA ARG B 114 14.89 6.99 1.26
C ARG B 114 15.70 6.43 0.09
N ASP B 115 15.64 5.12 -0.11
CA ASP B 115 16.37 4.52 -1.23
C ASP B 115 15.82 4.98 -2.58
N MET B 116 14.56 5.41 -2.63
CA MET B 116 13.98 5.98 -3.83
C MET B 116 14.28 7.47 -3.97
N GLY B 117 15.05 8.05 -3.06
CA GLY B 117 15.46 9.44 -3.15
C GLY B 117 14.59 10.43 -2.40
N CYS B 118 13.67 9.97 -1.55
CA CYS B 118 12.71 10.84 -0.90
C CYS B 118 12.95 10.91 0.59
N GLN B 119 12.44 11.99 1.20
CA GLN B 119 12.37 12.05 2.65
C GLN B 119 11.24 11.15 3.13
N ALA B 120 11.46 10.49 4.27
CA ALA B 120 10.55 9.46 4.77
C ALA B 120 9.87 9.88 6.08
N GLY B 121 8.61 9.49 6.23
CA GLY B 121 7.92 9.76 7.48
C GLY B 121 6.86 8.75 7.83
N LEU B 122 6.47 8.76 9.11
CA LEU B 122 5.35 7.98 9.59
C LEU B 122 4.23 8.91 10.04
N VAL B 123 2.99 8.41 9.92
CA VAL B 123 1.79 9.15 10.29
C VAL B 123 1.16 8.48 11.50
N LEU B 124 0.76 9.27 12.48
CA LEU B 124 0.03 8.79 13.66
C LEU B 124 -1.44 9.19 13.55
N ASN B 125 -2.33 8.19 13.43
CA ASN B 125 -3.76 8.44 13.62
C ASN B 125 -4.00 8.96 15.03
N PRO B 126 -5.15 9.58 15.28
CA PRO B 126 -5.44 10.05 16.64
C PRO B 126 -5.19 9.00 17.73
N ALA B 127 -5.62 7.75 17.51
CA ALA B 127 -5.43 6.73 18.55
C ALA B 127 -4.03 6.15 18.59
N THR B 128 -3.22 6.32 17.56
CA THR B 128 -1.96 5.58 17.45
C THR B 128 -0.96 6.07 18.48
N PRO B 129 -0.38 5.18 19.30
CA PRO B 129 0.57 5.63 20.33
C PRO B 129 1.87 6.12 19.70
N VAL B 130 2.52 7.05 20.41
CA VAL B 130 3.77 7.60 19.90
C VAL B 130 4.91 6.59 19.94
N TYR B 131 4.79 5.55 20.76
CA TYR B 131 5.89 4.61 20.93
C TYR B 131 6.18 3.83 19.67
N VAL B 132 5.25 3.82 18.71
CA VAL B 132 5.51 3.17 17.43
C VAL B 132 6.68 3.82 16.68
N LEU B 133 7.11 5.01 17.08
CA LEU B 133 8.23 5.71 16.44
C LEU B 133 9.59 5.35 17.02
N GLU B 134 9.64 4.79 18.23
CA GLU B 134 10.86 4.79 19.02
CA GLU B 134 10.86 4.78 19.02
C GLU B 134 11.96 3.92 18.43
N ASN B 135 11.63 2.96 17.57
CA ASN B 135 12.64 2.05 17.02
C ASN B 135 12.99 2.36 15.57
N VAL B 136 12.51 3.47 15.03
CA VAL B 136 12.82 3.84 13.64
C VAL B 136 13.25 5.29 13.52
N LEU B 137 13.70 5.91 14.60
CA LEU B 137 14.08 7.33 14.51
C LEU B 137 15.17 7.57 13.47
N ASP B 138 16.10 6.62 13.32
CA ASP B 138 17.16 6.79 12.34
C ASP B 138 16.66 6.74 10.91
N ARG B 139 15.45 6.23 10.69
CA ARG B 139 14.83 6.16 9.37
C ARG B 139 13.97 7.36 9.04
N LEU B 140 13.69 8.22 10.01
CA LEU B 140 12.65 9.24 9.86
C LEU B 140 13.24 10.60 9.52
N ASP B 141 12.59 11.27 8.58
CA ASP B 141 12.79 12.69 8.34
C ASP B 141 11.64 13.54 8.87
N MET B 142 10.47 12.95 9.06
CA MET B 142 9.31 13.69 9.49
C MET B 142 8.34 12.75 10.18
N VAL B 143 7.59 13.29 11.14
CA VAL B 143 6.45 12.61 11.73
C VAL B 143 5.24 13.48 11.47
N LEU B 144 4.18 12.87 10.93
CA LEU B 144 2.90 13.55 10.73
C LEU B 144 1.92 13.08 11.79
N LEU B 145 1.36 14.02 12.54
CA LEU B 145 0.29 13.71 13.48
C LEU B 145 -1.03 14.15 12.86
N MET B 146 -1.96 13.19 12.74
CA MET B 146 -3.32 13.53 12.33
C MET B 146 -4.08 14.12 13.52
N SER B 147 -4.65 15.30 13.30
CA SER B 147 -5.55 15.93 14.27
C SER B 147 -7.01 15.69 13.92
N VAL B 148 -7.28 14.88 12.90
CA VAL B 148 -8.61 14.38 12.57
C VAL B 148 -8.44 12.92 12.17
N ASN B 149 -9.56 12.20 12.09
CA ASN B 149 -9.50 10.85 11.55
C ASN B 149 -9.32 10.91 10.05
N PRO B 150 -8.29 10.29 9.48
CA PRO B 150 -8.01 10.43 8.04
C PRO B 150 -9.15 9.96 7.16
N GLY B 151 -9.29 10.64 6.03
CA GLY B 151 -10.26 10.26 5.04
C GLY B 151 -10.93 11.44 4.39
N PHE B 152 -11.07 12.54 5.12
CA PHE B 152 -11.93 13.63 4.67
C PHE B 152 -11.35 14.96 5.12
N GLY B 153 -11.52 15.98 4.26
CA GLY B 153 -11.22 17.34 4.66
C GLY B 153 -12.37 17.95 5.44
N GLY B 154 -12.13 19.15 5.96
CA GLY B 154 -13.18 19.94 6.58
C GLY B 154 -13.59 19.51 7.98
N GLN B 155 -12.86 18.59 8.61
CA GLN B 155 -13.19 18.12 9.95
C GLN B 155 -12.55 19.02 11.01
N SER B 156 -12.95 18.82 12.27
CA SER B 156 -12.51 19.68 13.37
C SER B 156 -11.32 19.10 14.12
N PHE B 157 -10.36 19.97 14.42
CA PHE B 157 -9.14 19.59 15.11
C PHE B 157 -9.46 18.94 16.46
N ILE B 158 -8.87 17.78 16.71
CA ILE B 158 -9.11 17.04 17.95
C ILE B 158 -8.19 17.61 19.02
N PRO B 159 -8.73 18.18 20.10
CA PRO B 159 -7.86 18.89 21.06
C PRO B 159 -6.74 18.06 21.65
N HIS B 160 -6.97 16.76 21.90
CA HIS B 160 -5.93 15.94 22.48
C HIS B 160 -4.66 15.90 21.62
N THR B 161 -4.76 16.23 20.33
CA THR B 161 -3.57 16.23 19.48
C THR B 161 -2.46 17.12 20.04
N LEU B 162 -2.80 18.22 20.72
CA LEU B 162 -1.75 19.09 21.24
C LEU B 162 -0.84 18.35 22.22
N GLU B 163 -1.42 17.50 23.08
CA GLU B 163 -0.62 16.70 23.99
C GLU B 163 0.28 15.74 23.23
N LYS B 164 -0.25 15.10 22.17
CA LYS B 164 0.58 14.17 21.39
C LYS B 164 1.71 14.91 20.70
N ILE B 165 1.45 16.11 20.17
CA ILE B 165 2.49 16.89 19.54
C ILE B 165 3.61 17.17 20.53
N ARG B 166 3.24 17.58 21.75
CA ARG B 166 4.24 17.82 22.79
C ARG B 166 5.05 16.56 23.08
N GLN B 167 4.37 15.41 23.15
CA GLN B 167 5.05 14.15 23.42
CA GLN B 167 5.06 14.16 23.41
C GLN B 167 6.05 13.82 22.31
N VAL B 168 5.61 13.96 21.05
CA VAL B 168 6.51 13.68 19.92
C VAL B 168 7.67 14.66 19.91
N ARG B 169 7.41 15.94 20.16
CA ARG B 169 8.49 16.92 20.16
C ARG B 169 9.51 16.59 21.24
N ALA B 170 9.06 16.16 22.42
CA ALA B 170 10.00 15.77 23.46
C ALA B 170 10.86 14.58 23.03
N MET B 171 10.22 13.57 22.42
CA MET B 171 10.97 12.42 21.91
C MET B 171 12.00 12.85 20.87
N LEU B 172 11.59 13.72 19.93
CA LEU B 172 12.50 14.14 18.87
C LEU B 172 13.57 15.09 19.38
N ASP B 173 13.26 15.90 20.41
CA ASP B 173 14.30 16.71 21.04
C ASP B 173 15.38 15.83 21.65
N ARG B 174 14.97 14.76 22.35
CA ARG B 174 15.97 13.86 22.92
C ARG B 174 16.78 13.19 21.82
N TYR B 175 16.12 12.81 20.73
CA TYR B 175 16.84 12.16 19.63
C TYR B 175 17.85 13.11 18.99
N GLU B 176 17.47 14.38 18.83
CA GLU B 176 18.41 15.34 18.28
C GLU B 176 19.61 15.53 19.20
N GLY B 177 19.37 15.53 20.51
CA GLY B 177 20.48 15.62 21.44
C GLY B 177 21.49 14.50 21.26
N LYS B 178 21.02 13.31 20.92
CA LYS B 178 21.87 12.14 20.73
C LYS B 178 22.48 12.07 19.33
N SER B 179 21.70 12.42 18.30
CA SER B 179 22.12 12.22 16.93
C SER B 179 22.51 13.50 16.21
N GLY B 180 22.16 14.67 16.73
CA GLY B 180 22.37 15.91 16.04
C GLY B 180 21.45 16.20 14.88
N ARG B 181 20.50 15.31 14.59
CA ARG B 181 19.60 15.52 13.47
CA ARG B 181 19.59 15.46 13.46
C ARG B 181 18.19 15.79 13.96
N ARG B 182 17.56 16.79 13.35
CA ARG B 182 16.23 17.25 13.71
C ARG B 182 15.20 16.62 12.77
N ILE B 183 14.27 15.86 13.34
CA ILE B 183 13.15 15.31 12.60
C ILE B 183 12.00 16.31 12.66
N ALA B 184 11.40 16.60 11.51
CA ALA B 184 10.32 17.58 11.44
C ALA B 184 9.01 16.99 11.97
N ILE B 185 8.13 17.88 12.43
CA ILE B 185 6.79 17.50 12.91
C ILE B 185 5.73 18.22 12.08
N GLU B 186 4.90 17.45 11.40
CA GLU B 186 3.80 17.95 10.58
C GLU B 186 2.49 17.60 11.27
N VAL B 187 1.48 18.47 11.11
CA VAL B 187 0.14 18.18 11.63
C VAL B 187 -0.86 18.43 10.51
N ASP B 188 -1.89 17.58 10.46
CA ASP B 188 -2.88 17.58 9.37
CA ASP B 188 -2.90 17.70 9.41
C ASP B 188 -4.26 17.35 9.97
N GLY B 189 -5.19 18.27 9.78
CA GLY B 189 -6.58 18.05 10.17
C GLY B 189 -7.21 19.21 10.90
N GLY B 190 -8.03 19.99 10.19
CA GLY B 190 -8.72 21.09 10.83
C GLY B 190 -7.84 22.25 11.25
N ILE B 191 -6.67 22.40 10.61
CA ILE B 191 -5.78 23.53 10.92
CA ILE B 191 -5.80 23.53 10.94
C ILE B 191 -6.35 24.79 10.28
N LYS B 192 -6.51 25.84 11.07
CA LYS B 192 -7.10 27.10 10.66
C LYS B 192 -6.22 28.25 11.15
N THR B 193 -6.46 29.44 10.60
CA THR B 193 -5.74 30.61 11.09
C THR B 193 -5.88 30.74 12.61
N ASP B 194 -7.09 30.49 13.15
CA ASP B 194 -7.33 30.74 14.56
C ASP B 194 -6.80 29.66 15.50
N ASN B 195 -6.27 28.54 14.97
CA ASN B 195 -5.64 27.57 15.85
C ASN B 195 -4.19 27.25 15.49
N ILE B 196 -3.65 27.83 14.42
CA ILE B 196 -2.33 27.42 13.97
C ILE B 196 -1.26 27.77 15.01
N ALA B 197 -1.41 28.89 15.72
CA ALA B 197 -0.41 29.27 16.71
C ALA B 197 -0.33 28.24 17.84
N ALA B 198 -1.48 27.71 18.26
CA ALA B 198 -1.47 26.70 19.31
C ALA B 198 -0.77 25.43 18.85
N VAL B 199 -0.96 25.04 17.59
CA VAL B 199 -0.29 23.85 17.06
C VAL B 199 1.22 24.06 17.04
N ALA B 200 1.65 25.27 16.65
CA ALA B 200 3.08 25.57 16.67
C ALA B 200 3.63 25.56 18.09
N ARG B 201 2.92 26.19 19.03
CA ARG B 201 3.39 26.23 20.42
CA ARG B 201 3.41 26.22 20.41
C ARG B 201 3.55 24.83 21.00
N ALA B 202 2.72 23.88 20.55
CA ALA B 202 2.84 22.51 21.03
C ALA B 202 4.09 21.82 20.50
N GLY B 203 4.66 22.33 19.40
CA GLY B 203 5.95 21.86 18.94
C GLY B 203 6.03 21.47 17.48
N ALA B 204 4.95 21.68 16.72
CA ALA B 204 4.95 21.35 15.31
C ALA B 204 5.61 22.45 14.50
N ASP B 205 6.11 22.09 13.32
CA ASP B 205 6.77 23.05 12.44
C ASP B 205 6.23 23.07 11.03
N THR B 206 5.42 22.09 10.62
CA THR B 206 4.87 22.01 9.28
C THR B 206 3.36 21.79 9.41
N PHE B 207 2.59 22.60 8.69
CA PHE B 207 1.14 22.68 8.92
C PHE B 207 0.41 22.43 7.61
N VAL B 208 -0.37 21.35 7.57
CA VAL B 208 -1.19 21.04 6.41
C VAL B 208 -2.54 21.71 6.60
N ALA B 209 -3.01 22.39 5.56
CA ALA B 209 -4.35 22.97 5.61
C ALA B 209 -5.00 22.84 4.24
N GLY B 210 -6.22 22.33 4.23
CA GLY B 210 -6.96 22.17 2.99
C GLY B 210 -8.10 23.16 2.91
N SER B 211 -9.17 22.90 3.66
CA SER B 211 -10.36 23.74 3.55
C SER B 211 -10.08 25.19 3.94
N ALA B 212 -9.20 25.43 4.92
CA ALA B 212 -8.96 26.81 5.34
C ALA B 212 -8.32 27.65 4.24
N ILE B 213 -7.60 27.03 3.31
CA ILE B 213 -6.95 27.76 2.22
C ILE B 213 -7.80 27.68 0.96
N PHE B 214 -7.97 26.46 0.43
CA PHE B 214 -8.63 26.29 -0.86
C PHE B 214 -10.12 26.61 -0.80
N GLY B 215 -10.73 26.55 0.38
CA GLY B 215 -12.12 26.95 0.51
C GLY B 215 -12.36 28.44 0.60
N LYS B 216 -11.31 29.25 0.52
CA LYS B 216 -11.41 30.70 0.63
C LYS B 216 -11.05 31.37 -0.69
N PRO B 217 -11.52 32.60 -0.91
CA PRO B 217 -11.31 33.23 -2.22
C PRO B 217 -9.89 33.72 -2.48
N ASP B 218 -9.14 34.09 -1.46
CA ASP B 218 -7.80 34.68 -1.64
C ASP B 218 -6.80 33.87 -0.81
N TYR B 219 -6.07 32.98 -1.48
CA TYR B 219 -5.07 32.17 -0.79
C TYR B 219 -3.96 33.03 -0.21
N LYS B 220 -3.62 34.13 -0.88
CA LYS B 220 -2.58 35.01 -0.34
C LYS B 220 -2.97 35.54 1.03
N ALA B 221 -4.23 35.97 1.18
CA ALA B 221 -4.68 36.51 2.44
C ALA B 221 -4.66 35.46 3.55
N VAL B 222 -5.10 34.24 3.24
CA VAL B 222 -5.14 33.20 4.27
C VAL B 222 -3.72 32.86 4.73
N ILE B 223 -2.82 32.61 3.77
CA ILE B 223 -1.47 32.23 4.16
C ILE B 223 -0.78 33.35 4.93
N ALA B 224 -0.95 34.61 4.49
CA ALA B 224 -0.38 35.72 5.25
C ALA B 224 -0.94 35.76 6.66
N ALA B 225 -2.25 35.53 6.82
CA ALA B 225 -2.84 35.56 8.15
C ALA B 225 -2.30 34.41 9.01
N MET B 226 -2.10 33.23 8.42
CA MET B 226 -1.45 32.14 9.16
C MET B 226 -0.03 32.52 9.55
N ARG B 227 0.73 33.14 8.63
CA ARG B 227 2.08 33.59 8.97
C ARG B 227 2.07 34.57 10.14
N ALA B 228 1.09 35.47 10.17
CA ALA B 228 1.03 36.45 11.26
C ALA B 228 0.76 35.77 12.60
N GLU B 229 -0.09 34.75 12.62
CA GLU B 229 -0.34 34.02 13.85
C GLU B 229 0.90 33.23 14.27
N LEU B 230 1.63 32.65 13.31
CA LEU B 230 2.84 31.91 13.65
C LEU B 230 3.90 32.81 14.24
N GLU B 231 3.89 34.10 13.89
CA GLU B 231 4.82 35.04 14.52
C GLU B 231 4.56 35.16 16.02
N LYS B 232 3.32 34.97 16.44
CA LYS B 232 2.98 35.00 17.86
C LYS B 232 3.39 33.73 18.59
N ALA B 233 3.61 32.63 17.87
CA ALA B 233 3.95 31.36 18.50
C ALA B 233 5.40 31.32 18.95
N ALA C 11 -26.56 4.51 -33.38
CA ALA C 11 -25.56 5.57 -33.43
C ALA C 11 -24.31 5.18 -32.64
N TYR C 12 -23.16 5.28 -33.29
CA TYR C 12 -21.91 4.97 -32.61
C TYR C 12 -21.53 6.08 -31.64
N ARG C 13 -21.00 5.69 -30.48
CA ARG C 13 -20.58 6.65 -29.46
C ARG C 13 -19.07 6.52 -29.25
N ILE C 14 -18.39 7.65 -29.21
CA ILE C 14 -16.97 7.70 -28.88
C ILE C 14 -16.82 8.27 -27.49
N ALA C 15 -16.08 7.56 -26.64
CA ALA C 15 -15.96 7.86 -25.21
C ALA C 15 -14.49 8.05 -24.86
N PRO C 16 -13.96 9.26 -24.95
CA PRO C 16 -12.55 9.48 -24.59
C PRO C 16 -12.30 9.17 -23.13
N SER C 17 -11.17 8.53 -22.86
CA SER C 17 -10.83 8.09 -21.51
CA SER C 17 -10.86 8.12 -21.50
C SER C 17 -9.83 9.08 -20.88
N ILE C 18 -10.26 9.76 -19.82
CA ILE C 18 -9.42 10.77 -19.17
C ILE C 18 -8.20 10.19 -18.49
N LEU C 19 -8.10 8.87 -18.37
CA LEU C 19 -6.88 8.25 -17.87
C LEU C 19 -5.66 8.73 -18.64
N SER C 20 -5.85 9.09 -19.92
CA SER C 20 -4.77 9.56 -20.78
C SER C 20 -4.69 11.07 -20.90
N ALA C 21 -5.51 11.82 -20.17
CA ALA C 21 -5.54 13.27 -20.27
C ALA C 21 -4.53 13.93 -19.33
N ASP C 22 -4.40 15.23 -19.48
CA ASP C 22 -3.53 16.07 -18.64
C ASP C 22 -4.28 16.40 -17.36
N PHE C 23 -3.91 15.74 -16.27
CA PHE C 23 -4.61 15.91 -15.00
CA PHE C 23 -4.66 15.94 -15.03
C PHE C 23 -4.39 17.28 -14.38
N ALA C 24 -3.46 18.08 -14.90
CA ALA C 24 -3.32 19.44 -14.41
C ALA C 24 -4.34 20.40 -15.03
N ARG C 25 -5.02 19.99 -16.10
CA ARG C 25 -5.96 20.83 -16.83
CA ARG C 25 -5.97 20.84 -16.81
C ARG C 25 -7.17 20.01 -17.24
N LEU C 26 -7.78 19.28 -16.29
CA LEU C 26 -8.79 18.28 -16.63
CA LEU C 26 -8.78 18.29 -16.64
C LEU C 26 -10.06 18.93 -17.18
N GLY C 27 -10.47 20.07 -16.62
CA GLY C 27 -11.64 20.74 -17.15
C GLY C 27 -11.47 21.16 -18.61
N GLU C 28 -10.32 21.74 -18.94
CA GLU C 28 -10.03 22.07 -20.33
C GLU C 28 -10.01 20.81 -21.20
N GLU C 29 -9.42 19.73 -20.71
CA GLU C 29 -9.37 18.50 -21.50
C GLU C 29 -10.76 17.99 -21.80
N VAL C 30 -11.64 18.00 -20.80
CA VAL C 30 -13.02 17.55 -21.00
C VAL C 30 -13.73 18.46 -22.00
N ALA C 31 -13.61 19.78 -21.81
CA ALA C 31 -14.26 20.72 -22.72
C ALA C 31 -13.75 20.53 -24.14
N ASN C 32 -12.45 20.29 -24.30
CA ASN C 32 -11.88 20.18 -25.64
C ASN C 32 -12.29 18.89 -26.33
N VAL C 33 -12.41 17.78 -25.59
CA VAL C 33 -12.82 16.56 -26.25
CA VAL C 33 -12.83 16.55 -26.26
C VAL C 33 -14.31 16.58 -26.58
N ILE C 34 -15.11 17.28 -25.77
CA ILE C 34 -16.51 17.47 -26.11
C ILE C 34 -16.63 18.33 -27.36
N ALA C 35 -15.82 19.39 -27.45
CA ALA C 35 -15.82 20.23 -28.65
C ALA C 35 -15.42 19.43 -29.88
N ALA C 36 -14.66 18.35 -29.70
CA ALA C 36 -14.22 17.49 -30.78
C ALA C 36 -15.22 16.41 -31.16
N GLY C 37 -16.31 16.26 -30.42
CA GLY C 37 -17.36 15.32 -30.78
C GLY C 37 -17.56 14.16 -29.82
N ALA C 38 -16.95 14.19 -28.63
CA ALA C 38 -17.14 13.10 -27.68
C ALA C 38 -18.62 12.92 -27.32
N ASP C 39 -19.05 11.67 -27.22
CA ASP C 39 -20.42 11.37 -26.79
C ASP C 39 -20.51 11.08 -25.30
N LEU C 40 -19.42 10.63 -24.69
CA LEU C 40 -19.35 10.28 -23.28
C LEU C 40 -17.95 10.65 -22.80
N ILE C 41 -17.81 10.87 -21.49
CA ILE C 41 -16.51 11.01 -20.86
C ILE C 41 -16.28 9.74 -20.05
N HIS C 42 -15.25 8.98 -20.41
CA HIS C 42 -14.99 7.70 -19.75
C HIS C 42 -13.99 7.88 -18.61
N PHE C 43 -14.39 7.37 -17.43
CA PHE C 43 -13.68 7.55 -16.17
CA PHE C 43 -13.69 7.56 -16.17
C PHE C 43 -13.19 6.20 -15.70
N ASP C 44 -11.88 5.96 -15.73
CA ASP C 44 -11.30 4.68 -15.29
C ASP C 44 -10.89 4.79 -13.82
N VAL C 45 -11.68 4.18 -12.94
CA VAL C 45 -11.51 4.30 -11.49
C VAL C 45 -10.81 3.04 -10.99
N MET C 46 -9.63 3.22 -10.38
CA MET C 46 -8.81 2.10 -9.93
C MET C 46 -8.41 2.32 -8.48
N ASP C 47 -8.54 1.28 -7.65
CA ASP C 47 -8.31 1.40 -6.20
C ASP C 47 -7.02 0.74 -5.73
N ASN C 48 -6.14 0.33 -6.63
CA ASN C 48 -4.88 -0.32 -6.30
C ASN C 48 -5.06 -1.72 -5.73
N HIS C 49 -6.29 -2.23 -5.69
CA HIS C 49 -6.56 -3.57 -5.20
C HIS C 49 -7.13 -4.47 -6.27
N TYR C 50 -8.17 -4.05 -6.96
CA TYR C 50 -8.69 -4.88 -8.05
C TYR C 50 -7.75 -4.87 -9.24
N VAL C 51 -7.01 -3.78 -9.42
CA VAL C 51 -5.97 -3.64 -10.44
C VAL C 51 -4.76 -3.01 -9.77
N PRO C 52 -3.57 -3.19 -10.34
CA PRO C 52 -2.35 -2.69 -9.70
C PRO C 52 -2.03 -1.23 -10.06
N ASN C 53 -3.03 -0.36 -9.92
CA ASN C 53 -2.87 1.06 -10.17
C ASN C 53 -3.96 1.78 -9.40
N LEU C 54 -3.71 3.05 -9.12
CA LEU C 54 -4.64 3.91 -8.37
CA LEU C 54 -4.66 3.90 -8.40
C LEU C 54 -4.85 5.16 -9.21
N THR C 55 -6.11 5.50 -9.52
CA THR C 55 -6.36 6.62 -10.43
C THR C 55 -7.06 7.77 -9.73
N PHE C 56 -8.39 7.81 -9.69
CA PHE C 56 -9.10 9.00 -9.22
CA PHE C 56 -9.09 8.99 -9.21
C PHE C 56 -10.46 8.59 -8.67
N GLY C 57 -10.88 9.32 -7.64
CA GLY C 57 -12.11 9.00 -6.95
C GLY C 57 -13.27 9.91 -7.27
N PRO C 58 -14.35 9.77 -6.50
CA PRO C 58 -15.58 10.49 -6.83
C PRO C 58 -15.45 12.00 -6.78
N MET C 59 -14.53 12.55 -5.97
CA MET C 59 -14.38 14.00 -5.94
CA MET C 59 -14.40 13.99 -5.96
CA MET C 59 -14.34 13.99 -5.94
C MET C 59 -13.91 14.53 -7.30
N VAL C 60 -13.19 13.72 -8.08
CA VAL C 60 -12.76 14.16 -9.41
C VAL C 60 -13.95 14.20 -10.34
N CYS C 61 -14.83 13.20 -10.25
CA CYS C 61 -16.07 13.20 -11.01
C CYS C 61 -16.92 14.42 -10.68
N ALA C 62 -17.09 14.72 -9.39
CA ALA C 62 -17.87 15.89 -8.99
C ALA C 62 -17.28 17.17 -9.55
N ALA C 63 -15.95 17.26 -9.56
CA ALA C 63 -15.30 18.49 -10.04
C ALA C 63 -15.48 18.68 -11.53
N LEU C 64 -15.66 17.60 -12.28
CA LEU C 64 -15.81 17.69 -13.72
C LEU C 64 -17.26 17.78 -14.17
N LYS C 65 -18.20 17.46 -13.29
CA LYS C 65 -19.61 17.57 -13.62
C LYS C 65 -19.99 18.90 -14.27
N PRO C 66 -19.53 20.06 -13.80
CA PRO C 66 -19.91 21.31 -14.48
C PRO C 66 -19.37 21.43 -15.90
N TYR C 67 -18.30 20.73 -16.23
CA TYR C 67 -17.71 20.76 -17.57
C TYR C 67 -18.29 19.70 -18.49
N ALA C 68 -18.96 18.69 -17.93
CA ALA C 68 -19.41 17.53 -18.71
C ALA C 68 -20.83 17.77 -19.20
N SER C 69 -20.94 18.35 -20.39
CA SER C 69 -22.24 18.50 -21.04
C SER C 69 -22.68 17.23 -21.74
N VAL C 70 -21.86 16.19 -21.73
CA VAL C 70 -22.22 14.85 -22.17
C VAL C 70 -22.11 13.92 -20.96
N PRO C 71 -22.72 12.74 -21.03
CA PRO C 71 -22.76 11.87 -19.85
C PRO C 71 -21.39 11.35 -19.45
N ILE C 72 -21.22 11.17 -18.14
CA ILE C 72 -20.00 10.57 -17.59
C ILE C 72 -20.21 9.08 -17.40
N ASP C 73 -19.29 8.29 -17.95
CA ASP C 73 -19.33 6.84 -17.96
C ASP C 73 -18.22 6.34 -17.02
N VAL C 74 -18.61 5.83 -15.86
CA VAL C 74 -17.66 5.43 -14.83
C VAL C 74 -17.43 3.93 -14.89
N HIS C 75 -16.18 3.54 -15.13
CA HIS C 75 -15.76 2.14 -15.12
C HIS C 75 -15.02 1.90 -13.80
N LEU C 76 -15.64 1.10 -12.93
CA LEU C 76 -15.08 0.79 -11.62
C LEU C 76 -14.17 -0.45 -11.70
N MET C 77 -12.87 -0.23 -11.56
CA MET C 77 -11.89 -1.30 -11.37
C MET C 77 -11.46 -1.27 -9.91
N VAL C 78 -12.42 -1.64 -9.05
CA VAL C 78 -12.29 -1.53 -7.60
C VAL C 78 -12.96 -2.76 -7.01
N GLU C 79 -12.63 -3.06 -5.75
CA GLU C 79 -13.26 -4.17 -5.06
CA GLU C 79 -13.26 -4.17 -5.06
C GLU C 79 -13.22 -3.82 -3.58
N PRO C 80 -14.34 -3.94 -2.83
CA PRO C 80 -15.68 -4.18 -3.39
C PRO C 80 -16.21 -2.93 -4.09
N VAL C 81 -17.46 -2.96 -4.53
CA VAL C 81 -17.96 -1.95 -5.44
C VAL C 81 -19.09 -1.09 -4.89
N ASP C 82 -19.88 -1.54 -3.92
CA ASP C 82 -21.16 -0.89 -3.65
C ASP C 82 -20.97 0.52 -3.09
N ASP C 83 -19.97 0.74 -2.24
CA ASP C 83 -19.80 2.09 -1.69
C ASP C 83 -19.44 3.08 -2.79
N LEU C 84 -18.57 2.68 -3.71
CA LEU C 84 -18.17 3.61 -4.78
C LEU C 84 -19.27 3.76 -5.82
N ILE C 85 -20.12 2.74 -6.02
CA ILE C 85 -21.32 2.94 -6.83
C ILE C 85 -22.10 4.12 -6.30
N GLN C 86 -22.35 4.15 -4.99
CA GLN C 86 -23.16 5.22 -4.41
C GLN C 86 -22.46 6.56 -4.53
N SER C 87 -21.16 6.61 -4.24
CA SER C 87 -20.51 7.91 -4.25
CA SER C 87 -20.44 7.90 -4.26
C SER C 87 -20.33 8.44 -5.67
N PHE C 88 -20.07 7.59 -6.66
CA PHE C 88 -20.00 8.08 -8.02
C PHE C 88 -21.35 8.53 -8.55
N ALA C 89 -22.42 7.82 -8.19
CA ALA C 89 -23.76 8.28 -8.58
C ALA C 89 -24.02 9.66 -8.00
N LYS C 90 -23.69 9.85 -6.71
CA LYS C 90 -23.94 11.15 -6.10
C LYS C 90 -23.06 12.23 -6.69
N ALA C 91 -21.91 11.86 -7.26
CA ALA C 91 -20.98 12.81 -7.85
C ALA C 91 -21.33 13.15 -9.30
N GLY C 92 -22.37 12.53 -9.85
CA GLY C 92 -22.88 12.91 -11.15
C GLY C 92 -22.65 11.93 -12.28
N ALA C 93 -22.22 10.70 -12.00
CA ALA C 93 -22.08 9.70 -13.05
C ALA C 93 -23.43 9.42 -13.69
N SER C 94 -23.40 9.13 -14.98
CA SER C 94 -24.58 8.70 -15.72
C SER C 94 -24.62 7.19 -15.95
N ILE C 95 -23.47 6.58 -16.17
CA ILE C 95 -23.35 5.15 -16.37
C ILE C 95 -22.29 4.66 -15.39
N ILE C 96 -22.54 3.52 -14.76
CA ILE C 96 -21.55 2.88 -13.90
C ILE C 96 -21.45 1.42 -14.28
N THR C 97 -20.22 0.97 -14.53
CA THR C 97 -19.94 -0.43 -14.83
C THR C 97 -18.92 -0.97 -13.84
N PHE C 98 -19.00 -2.27 -13.58
CA PHE C 98 -18.04 -2.88 -12.67
C PHE C 98 -17.81 -4.32 -13.12
N HIS C 99 -16.78 -4.96 -12.51
CA HIS C 99 -16.39 -6.31 -12.91
C HIS C 99 -17.12 -7.32 -12.04
N PRO C 100 -17.77 -8.33 -12.62
CA PRO C 100 -18.52 -9.29 -11.78
C PRO C 100 -17.66 -9.95 -10.73
N GLU C 101 -16.38 -10.21 -11.02
CA GLU C 101 -15.51 -10.84 -10.05
C GLU C 101 -15.32 -9.99 -8.80
N ALA C 102 -15.60 -8.69 -8.88
CA ALA C 102 -15.32 -7.76 -7.80
C ALA C 102 -16.48 -7.58 -6.83
N SER C 103 -17.63 -8.20 -7.09
CA SER C 103 -18.78 -8.09 -6.21
C SER C 103 -19.27 -9.49 -5.85
N ARG C 104 -19.45 -9.76 -4.56
CA ARG C 104 -20.01 -11.05 -4.17
C ARG C 104 -21.45 -11.20 -4.62
N HIS C 105 -22.18 -10.08 -4.74
CA HIS C 105 -23.61 -10.10 -5.05
C HIS C 105 -23.85 -9.19 -6.25
N ILE C 106 -23.56 -9.75 -7.43
CA ILE C 106 -23.56 -8.99 -8.68
C ILE C 106 -24.94 -8.41 -8.95
N ASP C 107 -25.98 -9.21 -8.76
CA ASP C 107 -27.34 -8.74 -9.04
C ASP C 107 -27.68 -7.55 -8.16
N ARG C 108 -27.37 -7.63 -6.87
CA ARG C 108 -27.58 -6.51 -5.96
C ARG C 108 -26.84 -5.26 -6.41
N SER C 109 -25.58 -5.42 -6.81
CA SER C 109 -24.80 -4.25 -7.22
C SER C 109 -25.38 -3.60 -8.46
N LEU C 110 -25.81 -4.40 -9.44
CA LEU C 110 -26.41 -3.82 -10.65
C LEU C 110 -27.72 -3.13 -10.32
N SER C 111 -28.53 -3.73 -9.45
CA SER C 111 -29.78 -3.10 -9.03
CA SER C 111 -29.78 -3.10 -9.03
C SER C 111 -29.52 -1.77 -8.34
N LEU C 112 -28.48 -1.71 -7.51
CA LEU C 112 -28.13 -0.49 -6.81
C LEU C 112 -27.79 0.62 -7.78
N ILE C 113 -27.05 0.32 -8.84
CA ILE C 113 -26.69 1.35 -9.82
C ILE C 113 -27.95 1.99 -10.40
N ARG C 114 -28.92 1.17 -10.81
CA ARG C 114 -30.15 1.73 -11.35
C ARG C 114 -30.94 2.46 -10.28
N ASP C 115 -30.96 1.94 -9.05
CA ASP C 115 -31.71 2.61 -7.99
C ASP C 115 -31.12 3.96 -7.63
N MET C 116 -29.82 4.15 -7.90
CA MET C 116 -29.16 5.44 -7.72
C MET C 116 -29.37 6.36 -8.91
N GLY C 117 -30.14 5.94 -9.91
CA GLY C 117 -30.48 6.77 -11.05
C GLY C 117 -29.56 6.65 -12.26
N CYS C 118 -28.70 5.65 -12.30
CA CYS C 118 -27.68 5.52 -13.34
C CYS C 118 -27.96 4.32 -14.23
N GLN C 119 -27.41 4.35 -15.43
CA GLN C 119 -27.37 3.15 -16.25
C GLN C 119 -26.30 2.20 -15.71
N ALA C 120 -26.56 0.90 -15.83
CA ALA C 120 -25.75 -0.11 -15.18
C ALA C 120 -25.12 -1.05 -16.19
N GLY C 121 -23.88 -1.48 -15.89
CA GLY C 121 -23.23 -2.42 -16.78
C GLY C 121 -22.23 -3.31 -16.06
N LEU C 122 -21.86 -4.38 -16.76
CA LEU C 122 -20.79 -5.27 -16.31
C LEU C 122 -19.64 -5.22 -17.30
N VAL C 123 -18.44 -5.44 -16.78
CA VAL C 123 -17.21 -5.43 -17.56
C VAL C 123 -16.65 -6.84 -17.62
N LEU C 124 -16.22 -7.27 -18.81
CA LEU C 124 -15.57 -8.56 -18.99
C LEU C 124 -14.08 -8.34 -19.22
N ASN C 125 -13.24 -8.80 -18.28
CA ASN C 125 -11.81 -8.90 -18.55
C ASN C 125 -11.57 -9.83 -19.74
N PRO C 126 -10.39 -9.75 -20.37
CA PRO C 126 -10.12 -10.68 -21.48
C PRO C 126 -10.44 -12.14 -21.20
N ALA C 127 -10.11 -12.65 -20.01
CA ALA C 127 -10.38 -14.05 -19.73
C ALA C 127 -11.81 -14.34 -19.29
N THR C 128 -12.58 -13.33 -18.91
CA THR C 128 -13.89 -13.57 -18.29
C THR C 128 -14.88 -14.13 -19.30
N PRO C 129 -15.52 -15.28 -19.01
CA PRO C 129 -16.48 -15.84 -19.97
C PRO C 129 -17.73 -14.98 -20.07
N VAL C 130 -18.37 -15.04 -21.25
CA VAL C 130 -19.57 -14.25 -21.47
C VAL C 130 -20.76 -14.76 -20.67
N TYR C 131 -20.71 -16.02 -20.22
CA TYR C 131 -21.87 -16.60 -19.55
C TYR C 131 -22.19 -15.91 -18.24
N VAL C 132 -21.25 -15.15 -17.69
CA VAL C 132 -21.52 -14.40 -16.47
C VAL C 132 -22.63 -13.37 -16.67
N LEU C 133 -22.99 -13.07 -17.92
CA LEU C 133 -24.04 -12.11 -18.22
C LEU C 133 -25.43 -12.71 -18.27
N GLU C 134 -25.54 -14.04 -18.41
CA GLU C 134 -26.78 -14.64 -18.88
CA GLU C 134 -26.79 -14.64 -18.88
C GLU C 134 -27.93 -14.53 -17.87
N ASN C 135 -27.62 -14.33 -16.59
CA ASN C 135 -28.66 -14.29 -15.58
C ASN C 135 -28.95 -12.89 -15.07
N VAL C 136 -28.39 -11.86 -15.69
CA VAL C 136 -28.62 -10.49 -15.27
C VAL C 136 -28.97 -9.58 -16.44
N LEU C 137 -29.42 -10.14 -17.57
CA LEU C 137 -29.71 -9.31 -18.73
C LEU C 137 -30.75 -8.24 -18.41
N ASP C 138 -31.76 -8.56 -17.59
CA ASP C 138 -32.76 -7.56 -17.25
C ASP C 138 -32.20 -6.42 -16.40
N ARG C 139 -31.01 -6.58 -15.81
CA ARG C 139 -30.37 -5.56 -15.00
C ARG C 139 -29.43 -4.68 -15.81
N LEU C 140 -29.12 -5.06 -17.04
CA LEU C 140 -28.03 -4.44 -17.79
C LEU C 140 -28.51 -3.39 -18.76
N ASP C 141 -27.81 -2.26 -18.78
CA ASP C 141 -27.92 -1.29 -19.87
C ASP C 141 -26.74 -1.34 -20.83
N MET C 142 -25.61 -1.86 -20.38
CA MET C 142 -24.42 -1.90 -21.21
C MET C 142 -23.53 -3.06 -20.76
N VAL C 143 -22.78 -3.61 -21.71
CA VAL C 143 -21.70 -4.55 -21.41
C VAL C 143 -20.43 -3.93 -21.96
N LEU C 144 -19.40 -3.85 -21.13
CA LEU C 144 -18.08 -3.38 -21.55
C LEU C 144 -17.15 -4.58 -21.69
N LEU C 145 -16.58 -4.77 -22.88
CA LEU C 145 -15.55 -5.79 -23.08
C LEU C 145 -14.19 -5.12 -23.05
N MET C 146 -13.32 -5.58 -22.17
CA MET C 146 -11.94 -5.11 -22.18
C MET C 146 -11.16 -5.81 -23.28
N SER C 147 -10.48 -5.03 -24.11
CA SER C 147 -9.60 -5.56 -25.13
C SER C 147 -8.14 -5.45 -24.72
N VAL C 148 -7.88 -5.02 -23.49
CA VAL C 148 -6.59 -5.10 -22.83
C VAL C 148 -6.84 -5.52 -21.39
N ASN C 149 -5.78 -5.93 -20.71
CA ASN C 149 -5.89 -6.20 -19.28
C ASN C 149 -6.03 -4.88 -18.54
N PRO C 150 -7.10 -4.68 -17.76
CA PRO C 150 -7.31 -3.39 -17.08
C PRO C 150 -6.16 -2.98 -16.19
N GLY C 151 -5.94 -1.66 -16.14
CA GLY C 151 -4.97 -1.08 -15.25
C GLY C 151 -4.23 0.09 -15.88
N PHE C 152 -4.06 0.07 -17.20
CA PHE C 152 -3.14 0.97 -17.87
C PHE C 152 -3.65 1.34 -19.25
N GLY C 153 -3.42 2.59 -19.65
CA GLY C 153 -3.65 2.98 -21.03
C GLY C 153 -2.49 2.59 -21.92
N GLY C 154 -2.66 2.80 -23.22
CA GLY C 154 -1.56 2.63 -24.15
C GLY C 154 -1.21 1.21 -24.52
N GLN C 155 -2.00 0.23 -24.09
CA GLN C 155 -1.74 -1.18 -24.40
C GLN C 155 -2.34 -1.54 -25.75
N SER C 156 -2.00 -2.73 -26.25
CA SER C 156 -2.41 -3.16 -27.58
C SER C 156 -3.67 -4.04 -27.55
N PHE C 157 -4.58 -3.78 -28.48
CA PHE C 157 -5.84 -4.51 -28.59
C PHE C 157 -5.58 -5.99 -28.75
N ILE C 158 -6.23 -6.80 -27.94
CA ILE C 158 -6.08 -8.26 -27.95
C ILE C 158 -6.99 -8.80 -29.06
N PRO C 159 -6.45 -9.46 -30.09
CA PRO C 159 -7.29 -9.82 -31.25
C PRO C 159 -8.48 -10.72 -30.91
N HIS C 160 -8.34 -11.62 -29.94
CA HIS C 160 -9.46 -12.49 -29.59
C HIS C 160 -10.70 -11.72 -29.14
N THR C 161 -10.55 -10.45 -28.72
CA THR C 161 -11.71 -9.67 -28.30
C THR C 161 -12.78 -9.61 -29.39
N LEU C 162 -12.38 -9.61 -30.66
CA LEU C 162 -13.37 -9.56 -31.74
C LEU C 162 -14.36 -10.72 -31.64
N GLU C 163 -13.85 -11.93 -31.37
CA GLU C 163 -14.76 -13.07 -31.23
CA GLU C 163 -14.74 -13.08 -31.21
C GLU C 163 -15.67 -12.90 -30.01
N LYS C 164 -15.14 -12.38 -28.91
CA LYS C 164 -15.98 -12.17 -27.73
C LYS C 164 -17.06 -11.13 -28.02
N ILE C 165 -16.70 -10.06 -28.75
CA ILE C 165 -17.71 -9.06 -29.09
C ILE C 165 -18.82 -9.70 -29.91
N ARG C 166 -18.45 -10.55 -30.88
CA ARG C 166 -19.45 -11.24 -31.69
C ARG C 166 -20.35 -12.12 -30.83
N GLN C 167 -19.75 -12.80 -29.84
CA GLN C 167 -20.53 -13.67 -28.96
CA GLN C 167 -20.55 -13.67 -28.97
C GLN C 167 -21.50 -12.86 -28.12
N VAL C 168 -21.04 -11.75 -27.54
CA VAL C 168 -21.92 -10.90 -26.75
C VAL C 168 -23.02 -10.31 -27.62
N ARG C 169 -22.67 -9.83 -28.82
CA ARG C 169 -23.67 -9.25 -29.70
C ARG C 169 -24.76 -10.27 -30.03
N ALA C 170 -24.37 -11.51 -30.31
CA ALA C 170 -25.37 -12.54 -30.58
C ALA C 170 -26.28 -12.77 -29.38
N MET C 171 -25.71 -12.84 -28.17
CA MET C 171 -26.52 -12.97 -26.97
C MET C 171 -27.48 -11.80 -26.80
N LEU C 172 -26.99 -10.58 -27.04
CA LEU C 172 -27.82 -9.40 -26.85
C LEU C 172 -28.85 -9.23 -27.95
N ASP C 173 -28.54 -9.69 -29.17
CA ASP C 173 -29.53 -9.72 -30.23
C ASP C 173 -30.69 -10.64 -29.86
N ARG C 174 -30.37 -11.81 -29.30
CA ARG C 174 -31.43 -12.73 -28.92
C ARG C 174 -32.26 -12.14 -27.77
N TYR C 175 -31.59 -11.48 -26.83
CA TYR C 175 -32.32 -10.86 -25.72
C TYR C 175 -33.23 -9.73 -26.21
N GLU C 176 -32.75 -8.92 -27.15
CA GLU C 176 -33.59 -7.87 -27.71
C GLU C 176 -34.80 -8.45 -28.41
N GLY C 177 -34.62 -9.59 -29.08
CA GLY C 177 -35.75 -10.24 -29.71
C GLY C 177 -36.82 -10.65 -28.72
N LYS C 178 -36.42 -11.03 -27.52
CA LYS C 178 -37.37 -11.48 -26.51
C LYS C 178 -37.95 -10.34 -25.69
N SER C 179 -37.14 -9.31 -25.40
CA SER C 179 -37.54 -8.25 -24.47
C SER C 179 -37.80 -6.92 -25.14
N GLY C 180 -37.38 -6.72 -26.38
CA GLY C 180 -37.43 -5.41 -27.00
C GLY C 180 -36.43 -4.40 -26.49
N ARG C 181 -35.52 -4.80 -25.60
CA ARG C 181 -34.51 -3.91 -25.04
CA ARG C 181 -34.52 -3.90 -25.06
C ARG C 181 -33.17 -4.16 -25.73
N ARG C 182 -32.53 -3.08 -26.17
CA ARG C 182 -31.19 -3.17 -26.74
C ARG C 182 -30.17 -2.78 -25.68
N ILE C 183 -29.32 -3.73 -25.29
CA ILE C 183 -28.21 -3.47 -24.39
C ILE C 183 -27.01 -3.04 -25.22
N ALA C 184 -26.37 -1.95 -24.82
CA ALA C 184 -25.22 -1.43 -25.55
C ALA C 184 -23.96 -2.26 -25.30
N ILE C 185 -23.07 -2.28 -26.29
CA ILE C 185 -21.77 -2.96 -26.20
C ILE C 185 -20.67 -1.91 -26.32
N GLU C 186 -19.88 -1.79 -25.26
CA GLU C 186 -18.75 -0.88 -25.22
C GLU C 186 -17.47 -1.71 -25.24
N VAL C 187 -16.41 -1.16 -25.84
CA VAL C 187 -15.10 -1.81 -25.86
C VAL C 187 -14.05 -0.80 -25.42
N ASP C 188 -13.07 -1.27 -24.65
CA ASP C 188 -12.05 -0.41 -24.03
CA ASP C 188 -12.01 -0.38 -24.16
C ASP C 188 -10.70 -1.13 -24.12
N GLY C 189 -9.70 -0.54 -24.79
CA GLY C 189 -8.36 -1.06 -24.74
C GLY C 189 -7.68 -1.07 -26.09
N GLY C 190 -6.79 -0.10 -26.33
CA GLY C 190 -6.07 -0.08 -27.58
C GLY C 190 -6.90 0.23 -28.80
N ILE C 191 -8.03 0.91 -28.65
CA ILE C 191 -8.84 1.30 -29.80
CA ILE C 191 -8.82 1.28 -29.82
C ILE C 191 -8.17 2.48 -30.50
N LYS C 192 -8.00 2.36 -31.81
CA LYS C 192 -7.30 3.34 -32.62
C LYS C 192 -8.12 3.57 -33.89
N THR C 193 -7.81 4.68 -34.58
CA THR C 193 -8.48 4.91 -35.86
C THR C 193 -8.34 3.71 -36.78
N ASP C 194 -7.17 3.07 -36.78
CA ASP C 194 -6.91 1.97 -37.72
C ASP C 194 -7.56 0.65 -37.33
N ASN C 195 -8.16 0.53 -36.15
CA ASN C 195 -8.89 -0.70 -35.82
C ASN C 195 -10.34 -0.49 -35.43
N ILE C 196 -10.81 0.76 -35.34
CA ILE C 196 -12.16 0.98 -34.81
C ILE C 196 -13.22 0.36 -35.70
N ALA C 197 -13.01 0.36 -37.02
CA ALA C 197 -14.02 -0.22 -37.92
C ALA C 197 -14.19 -1.72 -37.66
N ALA C 198 -13.08 -2.43 -37.42
CA ALA C 198 -13.17 -3.85 -37.12
C ALA C 198 -13.94 -4.10 -35.83
N VAL C 199 -13.75 -3.24 -34.83
CA VAL C 199 -14.46 -3.41 -33.56
C VAL C 199 -15.95 -3.19 -33.76
N ALA C 200 -16.31 -2.19 -34.56
CA ALA C 200 -17.72 -1.97 -34.87
C ALA C 200 -18.29 -3.14 -35.66
N ARG C 201 -17.55 -3.63 -36.65
CA ARG C 201 -18.04 -4.75 -37.46
CA ARG C 201 -18.04 -4.76 -37.45
C ARG C 201 -18.32 -5.98 -36.60
N ALA C 202 -17.53 -6.18 -35.53
CA ALA C 202 -17.75 -7.31 -34.65
C ALA C 202 -19.03 -7.16 -33.85
N GLY C 203 -19.54 -5.94 -33.69
CA GLY C 203 -20.84 -5.74 -33.07
C GLY C 203 -20.91 -4.69 -31.98
N ALA C 204 -19.80 -4.00 -31.71
CA ALA C 204 -19.81 -3.00 -30.66
C ALA C 204 -20.40 -1.70 -31.17
N ASP C 205 -20.88 -0.88 -30.23
CA ASP C 205 -21.44 0.42 -30.60
C ASP C 205 -20.85 1.60 -29.84
N THR C 206 -20.09 1.36 -28.78
CA THR C 206 -19.51 2.42 -27.96
C THR C 206 -18.02 2.12 -27.81
N PHE C 207 -17.19 3.11 -28.08
CA PHE C 207 -15.75 2.91 -28.23
C PHE C 207 -14.99 3.83 -27.30
N VAL C 208 -14.26 3.25 -26.34
CA VAL C 208 -13.44 4.02 -25.41
C VAL C 208 -12.06 4.15 -26.02
N ALA C 209 -11.51 5.37 -26.02
CA ALA C 209 -10.15 5.56 -26.50
C ALA C 209 -9.46 6.61 -25.63
N GLY C 210 -8.26 6.28 -25.15
CA GLY C 210 -7.50 7.21 -24.34
C GLY C 210 -6.31 7.73 -25.11
N SER C 211 -5.29 6.90 -25.24
CA SER C 211 -4.04 7.38 -25.85
C SER C 211 -4.24 7.83 -27.29
N ALA C 212 -5.13 7.17 -28.05
CA ALA C 212 -5.32 7.58 -29.44
C ALA C 212 -5.87 9.00 -29.57
N ILE C 213 -6.58 9.48 -28.56
CA ILE C 213 -7.15 10.84 -28.64
C ILE C 213 -6.29 11.82 -27.85
N PHE C 214 -6.21 11.62 -26.54
CA PHE C 214 -5.50 12.56 -25.68
C PHE C 214 -4.00 12.60 -25.94
N GLY C 215 -3.43 11.54 -26.53
CA GLY C 215 -2.03 11.53 -26.85
C GLY C 215 -1.67 12.22 -28.14
N LYS C 216 -2.63 12.83 -28.81
CA LYS C 216 -2.46 13.49 -30.09
C LYS C 216 -2.75 14.98 -29.93
N PRO C 217 -2.20 15.83 -30.80
CA PRO C 217 -2.38 17.27 -30.61
C PRO C 217 -3.76 17.79 -30.98
N ASP C 218 -4.48 17.12 -31.87
CA ASP C 218 -5.74 17.65 -32.41
C ASP C 218 -6.85 16.62 -32.19
N TYR C 219 -7.64 16.81 -31.14
CA TYR C 219 -8.70 15.85 -30.84
C TYR C 219 -9.78 15.86 -31.91
N LYS C 220 -10.06 17.02 -32.50
CA LYS C 220 -11.06 17.08 -33.56
C LYS C 220 -10.66 16.19 -34.73
N ALA C 221 -9.38 16.23 -35.12
CA ALA C 221 -8.92 15.43 -36.24
C ALA C 221 -9.04 13.95 -35.95
N VAL C 222 -8.66 13.52 -34.73
CA VAL C 222 -8.71 12.10 -34.39
C VAL C 222 -10.16 11.61 -34.41
N ILE C 223 -11.05 12.33 -33.73
CA ILE C 223 -12.43 11.86 -33.64
C ILE C 223 -13.07 11.84 -35.02
N ALA C 224 -12.80 12.86 -35.84
CA ALA C 224 -13.34 12.85 -37.20
C ALA C 224 -12.81 11.66 -37.99
N ALA C 225 -11.52 11.33 -37.84
CA ALA C 225 -10.98 10.16 -38.53
C ALA C 225 -11.63 8.87 -38.06
N MET C 226 -11.89 8.75 -36.75
CA MET C 226 -12.63 7.60 -36.23
C MET C 226 -14.03 7.55 -36.82
N ARG C 227 -14.72 8.69 -36.89
CA ARG C 227 -16.06 8.72 -37.47
C ARG C 227 -16.03 8.23 -38.92
N ALA C 228 -15.01 8.63 -39.67
CA ALA C 228 -14.94 8.23 -41.07
C ALA C 228 -14.73 6.73 -41.21
N GLU C 229 -13.93 6.14 -40.32
CA GLU C 229 -13.76 4.69 -40.34
C GLU C 229 -15.04 3.98 -39.92
N LEU C 230 -15.76 4.53 -38.95
CA LEU C 230 -17.02 3.92 -38.54
C LEU C 230 -18.05 3.98 -39.65
N GLU C 231 -18.00 5.01 -40.50
CA GLU C 231 -18.90 5.06 -41.64
C GLU C 231 -18.66 3.89 -42.58
N LYS C 232 -17.42 3.37 -42.62
CA LYS C 232 -17.12 2.20 -43.43
C LYS C 232 -17.66 0.92 -42.81
N ALA C 233 -17.61 0.80 -41.48
CA ALA C 233 -18.15 -0.38 -40.82
C ALA C 233 -19.66 -0.49 -41.04
N ALA C 234 -20.36 0.65 -40.97
CA ALA C 234 -21.80 0.68 -41.16
C ALA C 234 -22.18 0.24 -42.58
#